data_6MOY
#
_entry.id   6MOY
#
_cell.length_a   75.834
_cell.length_b   100.882
_cell.length_c   171.633
_cell.angle_alpha   90.000
_cell.angle_beta   90.000
_cell.angle_gamma   90.000
#
_symmetry.space_group_name_H-M   'P 21 21 21'
#
loop_
_entity.id
_entity.type
_entity.pdbx_description
1 polymer BlMan5B
2 non-polymer 2-acetamido-2-deoxy-beta-D-glucopyranose
3 water water
#
_entity_poly.entity_id   1
_entity_poly.type   'polypeptide(L)'
_entity_poly.pdbx_seq_one_letter_code
;MGSSHHHHHHSSGLVPRGSHMKFGVNYTPSGEWFYTWLNPKWEVIRRDLAQIAELGADHVRIFPLWTLLQPNRTWINPKA
LADVRRMVELGGEAGLDVYVDVIQGHLSSFDFVPSWLVSWHEGSMFTDQSAIEAQSALTEAIYGTLSDMKAFAGLTLGNE
CNQFTDATHPRRMPANAEQIGEWLDTLIGLVAKRCRRDGRLIAHSENDAIWYADGHAFLPRYASCKGDVTTVHSWVFNGT
GQHYGPMSCESLGHAAWLVELSKAFAADPHRPVWVQAIGAPGNVIDSADAPEFCRRSIDAIADCPDVFGVTWWCSHRIPS
AFSDFPFFEHQLGLFDVDGTLTDVGKAFRDAIATHRDTVAPPRTTAIVIPVDEQGDPLMRAAQAPGGSLFEAWANLNRQG
ERPCVITSLDAGNPAKLANRGIVRLERVELVAGHAYNAVSDPAFEHKGE
;
_entity_poly.pdbx_strand_id   A,B
#
loop_
_chem_comp.id
_chem_comp.type
_chem_comp.name
_chem_comp.formula
NAG D-saccharide, beta linking 2-acetamido-2-deoxy-beta-D-glucopyranose 'C8 H15 N O6'
#
# COMPACT_ATOMS: atom_id res chain seq x y z
N MET A 21 12.02 36.16 7.54
CA MET A 21 11.22 34.98 7.84
C MET A 21 10.09 34.78 6.81
N LYS A 22 9.85 33.53 6.46
CA LYS A 22 8.89 33.16 5.42
C LYS A 22 7.62 32.62 6.05
N PHE A 23 6.51 32.73 5.31
CA PHE A 23 5.22 32.24 5.78
C PHE A 23 4.57 31.43 4.66
N GLY A 24 4.14 30.21 4.98
CA GLY A 24 3.50 29.34 4.01
C GLY A 24 2.53 28.41 4.70
N VAL A 25 1.93 27.53 3.92
CA VAL A 25 0.99 26.52 4.41
C VAL A 25 1.32 25.21 3.72
N ASN A 26 1.18 24.12 4.47
CA ASN A 26 1.22 22.79 3.87
C ASN A 26 -0.07 22.54 3.10
N TYR A 27 0.07 22.17 1.83
CA TYR A 27 -1.05 22.13 0.91
C TYR A 27 -1.75 20.78 0.99
N THR A 28 -2.94 20.76 1.58
CA THR A 28 -3.83 19.61 1.50
C THR A 28 -4.85 19.90 0.41
N PRO A 29 -4.84 19.17 -0.71
CA PRO A 29 -5.76 19.49 -1.80
C PRO A 29 -7.22 19.43 -1.34
N SER A 30 -7.96 20.51 -1.61
CA SER A 30 -9.36 20.56 -1.26
C SER A 30 -10.17 19.54 -2.06
N GLY A 31 -11.26 19.06 -1.46
CA GLY A 31 -12.15 18.17 -2.16
C GLY A 31 -11.79 16.69 -2.13
N GLU A 32 -10.52 16.33 -2.36
CA GLU A 32 -10.14 14.93 -2.38
C GLU A 32 -8.83 14.63 -1.66
N TRP A 33 -8.33 15.55 -0.84
CA TRP A 33 -7.12 15.33 -0.03
C TRP A 33 -5.99 14.91 -0.96
N PHE A 34 -5.08 14.05 -0.50
CA PHE A 34 -4.01 13.55 -1.37
C PHE A 34 -4.47 12.42 -2.27
N TYR A 35 -5.72 11.99 -2.17
CA TYR A 35 -6.26 11.03 -3.13
C TYR A 35 -6.43 11.64 -4.51
N THR A 36 -6.41 12.98 -4.61
CA THR A 36 -6.50 13.66 -5.89
C THR A 36 -5.33 13.32 -6.81
N TRP A 37 -4.22 12.81 -6.26
CA TRP A 37 -3.07 12.45 -7.09
C TRP A 37 -3.43 11.39 -8.13
N LEU A 38 -4.43 10.56 -7.84
CA LEU A 38 -4.90 9.58 -8.82
C LEU A 38 -5.42 10.25 -10.07
N ASN A 39 -6.13 11.38 -9.90
CA ASN A 39 -6.79 12.09 -10.99
C ASN A 39 -6.96 13.56 -10.61
N PRO A 40 -5.92 14.38 -10.76
CA PRO A 40 -5.97 15.75 -10.26
C PRO A 40 -6.94 16.62 -11.07
N LYS A 41 -7.80 17.33 -10.36
CA LYS A 41 -8.67 18.35 -10.97
C LYS A 41 -7.90 19.66 -10.94
N TRP A 42 -7.21 19.95 -12.05
CA TRP A 42 -6.23 21.03 -12.07
C TRP A 42 -6.86 22.41 -11.89
N GLU A 43 -8.12 22.59 -12.31
CA GLU A 43 -8.77 23.87 -12.07
C GLU A 43 -9.06 24.09 -10.59
N VAL A 44 -9.35 23.03 -9.84
CA VAL A 44 -9.57 23.18 -8.41
C VAL A 44 -8.26 23.45 -7.69
N ILE A 45 -7.20 22.72 -8.08
CA ILE A 45 -5.87 22.96 -7.50
C ILE A 45 -5.43 24.38 -7.78
N ARG A 46 -5.70 24.88 -8.99
CA ARG A 46 -5.37 26.27 -9.31
C ARG A 46 -6.13 27.24 -8.40
N ARG A 47 -7.39 26.93 -8.10
CA ARG A 47 -8.15 27.72 -7.15
C ARG A 47 -7.65 27.54 -5.73
N ASP A 48 -7.18 26.34 -5.39
CA ASP A 48 -6.62 26.10 -4.05
C ASP A 48 -5.39 26.97 -3.82
N LEU A 49 -4.41 26.89 -4.73
CA LEU A 49 -3.16 27.63 -4.55
C LEU A 49 -3.38 29.14 -4.64
N ALA A 50 -4.38 29.57 -5.40
CA ALA A 50 -4.71 30.99 -5.45
C ALA A 50 -5.23 31.48 -4.09
N GLN A 51 -5.98 30.63 -3.38
CA GLN A 51 -6.47 31.00 -2.07
C GLN A 51 -5.33 31.12 -1.07
N ILE A 52 -4.35 30.23 -1.15
CA ILE A 52 -3.21 30.27 -0.24
C ILE A 52 -2.41 31.57 -0.45
N ALA A 53 -2.13 31.91 -1.71
CA ALA A 53 -1.44 33.16 -2.00
C ALA A 53 -2.23 34.36 -1.51
N GLU A 54 -3.56 34.28 -1.58
CA GLU A 54 -4.41 35.36 -1.10
C GLU A 54 -4.30 35.57 0.41
N LEU A 55 -3.85 34.57 1.16
CA LEU A 55 -3.65 34.77 2.59
C LEU A 55 -2.46 35.69 2.85
N GLY A 56 -1.54 35.80 1.91
CA GLY A 56 -0.26 36.45 2.13
C GLY A 56 0.91 35.50 2.22
N ALA A 57 0.69 34.20 2.06
CA ALA A 57 1.78 33.24 2.09
C ALA A 57 2.70 33.42 0.89
N ASP A 58 3.99 33.15 1.10
CA ASP A 58 4.97 33.21 0.02
C ASP A 58 5.41 31.85 -0.47
N HIS A 59 5.04 30.77 0.22
CA HIS A 59 5.49 29.45 -0.19
C HIS A 59 4.42 28.42 0.15
N VAL A 60 4.61 27.23 -0.41
CA VAL A 60 3.69 26.11 -0.19
C VAL A 60 4.51 24.82 -0.13
N ARG A 61 4.03 23.86 0.65
CA ARG A 61 4.65 22.55 0.74
C ARG A 61 3.67 21.49 0.25
N ILE A 62 4.09 20.66 -0.70
CA ILE A 62 3.22 19.70 -1.36
C ILE A 62 3.76 18.29 -1.12
N PHE A 63 2.87 17.32 -1.27
CA PHE A 63 3.12 15.94 -0.81
C PHE A 63 2.68 14.93 -1.86
N PRO A 64 3.58 14.51 -2.74
CA PRO A 64 3.29 13.37 -3.62
C PRO A 64 3.33 12.06 -2.86
N LEU A 65 2.64 11.07 -3.42
CA LEU A 65 2.47 9.76 -2.78
C LEU A 65 3.47 8.75 -3.35
N TRP A 66 4.20 8.09 -2.45
CA TRP A 66 5.24 7.14 -2.86
C TRP A 66 4.65 5.97 -3.64
N THR A 67 3.44 5.53 -3.28
CA THR A 67 2.82 4.39 -3.95
C THR A 67 2.53 4.68 -5.40
N LEU A 68 2.20 5.94 -5.73
CA LEU A 68 1.96 6.35 -7.11
C LEU A 68 3.25 6.72 -7.83
N LEU A 69 4.18 7.33 -7.12
CA LEU A 69 5.44 7.74 -7.72
C LEU A 69 6.27 6.54 -8.18
N GLN A 70 6.30 5.48 -7.37
CA GLN A 70 7.22 4.37 -7.56
C GLN A 70 6.49 3.05 -7.31
N PRO A 71 5.56 2.67 -8.20
CA PRO A 71 4.81 1.44 -7.96
C PRO A 71 5.66 0.17 -8.03
N ASN A 72 6.83 0.24 -8.65
CA ASN A 72 7.81 -0.84 -8.66
C ASN A 72 9.16 -0.26 -8.28
N ARG A 73 10.02 -1.10 -7.69
CA ARG A 73 11.31 -0.61 -7.20
C ARG A 73 12.15 -0.01 -8.32
N THR A 74 12.08 -0.59 -9.52
CA THR A 74 12.89 -0.15 -10.64
C THR A 74 12.05 0.44 -11.77
N TRP A 75 10.95 1.11 -11.42
CA TRP A 75 10.16 1.86 -12.40
C TRP A 75 9.47 3.00 -11.68
N ILE A 76 9.87 4.22 -11.99
CA ILE A 76 9.20 5.41 -11.49
C ILE A 76 8.16 5.84 -12.51
N ASN A 77 6.96 6.19 -12.04
CA ASN A 77 5.84 6.48 -12.92
C ASN A 77 5.96 7.88 -13.51
N PRO A 78 6.14 7.99 -14.83
CA PRO A 78 6.29 9.33 -15.44
C PRO A 78 5.09 10.22 -15.26
N LYS A 79 3.87 9.67 -15.26
CA LYS A 79 2.68 10.48 -15.05
C LYS A 79 2.70 11.13 -13.67
N ALA A 80 3.10 10.38 -12.64
CA ALA A 80 3.17 10.95 -11.29
C ALA A 80 4.21 12.04 -11.20
N LEU A 81 5.36 11.85 -11.87
CA LEU A 81 6.36 12.91 -11.92
C LEU A 81 5.83 14.14 -12.64
N ALA A 82 5.09 13.93 -13.73
CA ALA A 82 4.54 15.05 -14.49
C ALA A 82 3.46 15.77 -13.71
N ASP A 83 2.67 15.04 -12.91
CA ASP A 83 1.63 15.66 -12.11
C ASP A 83 2.25 16.52 -11.00
N VAL A 84 3.37 16.07 -10.43
CA VAL A 84 4.07 16.89 -9.45
C VAL A 84 4.57 18.18 -10.08
N ARG A 85 5.08 18.09 -11.32
CA ARG A 85 5.56 19.29 -12.00
C ARG A 85 4.42 20.27 -12.26
N ARG A 86 3.24 19.74 -12.61
CA ARG A 86 2.09 20.60 -12.88
CA ARG A 86 2.11 20.61 -12.88
C ARG A 86 1.70 21.39 -11.64
N MET A 87 1.69 20.73 -10.47
CA MET A 87 1.35 21.42 -9.23
C MET A 87 2.41 22.46 -8.88
N VAL A 88 3.68 22.12 -9.11
CA VAL A 88 4.76 23.10 -8.93
C VAL A 88 4.55 24.28 -9.86
N GLU A 89 4.16 24.01 -11.10
CA GLU A 89 3.91 25.07 -12.08
C GLU A 89 2.75 25.95 -11.63
N LEU A 90 1.65 25.33 -11.20
CA LEU A 90 0.48 26.09 -10.78
C LEU A 90 0.77 26.87 -9.50
N GLY A 91 1.57 26.30 -8.59
CA GLY A 91 1.94 27.03 -7.39
C GLY A 91 2.73 28.29 -7.69
N GLY A 92 3.62 28.21 -8.69
CA GLY A 92 4.39 29.38 -9.08
C GLY A 92 3.54 30.46 -9.74
N GLU A 93 2.59 30.05 -10.59
CA GLU A 93 1.73 31.01 -11.25
C GLU A 93 0.80 31.72 -10.27
N ALA A 94 0.67 31.20 -9.06
CA ALA A 94 0.01 31.92 -7.97
C ALA A 94 0.98 32.78 -7.18
N GLY A 95 2.26 32.80 -7.54
CA GLY A 95 3.26 33.56 -6.84
C GLY A 95 3.86 32.89 -5.63
N LEU A 96 3.75 31.55 -5.53
CA LEU A 96 4.22 30.81 -4.38
C LEU A 96 5.46 30.00 -4.74
N ASP A 97 6.48 30.06 -3.88
CA ASP A 97 7.52 29.03 -3.93
C ASP A 97 6.95 27.72 -3.42
N VAL A 98 7.33 26.62 -4.07
CA VAL A 98 6.80 25.31 -3.71
C VAL A 98 7.97 24.45 -3.24
N TYR A 99 7.82 23.86 -2.06
CA TYR A 99 8.73 22.87 -1.52
C TYR A 99 8.07 21.50 -1.64
N VAL A 100 8.83 20.52 -2.12
CA VAL A 100 8.31 19.19 -2.40
C VAL A 100 8.91 18.22 -1.39
N ASP A 101 8.06 17.38 -0.81
CA ASP A 101 8.49 16.28 0.04
C ASP A 101 8.46 15.00 -0.78
N VAL A 102 9.60 14.31 -0.85
CA VAL A 102 9.78 13.26 -1.85
C VAL A 102 9.06 11.98 -1.45
N ILE A 103 9.21 11.54 -0.20
CA ILE A 103 8.84 10.19 0.21
C ILE A 103 7.70 10.28 1.21
N GLN A 104 6.47 10.01 0.74
CA GLN A 104 5.32 9.77 1.60
C GLN A 104 4.75 8.41 1.23
N GLY A 105 4.96 7.41 2.10
CA GLY A 105 5.52 7.67 3.41
C GLY A 105 4.40 7.80 4.41
N HIS A 106 4.51 8.76 5.32
CA HIS A 106 3.49 8.98 6.33
C HIS A 106 2.80 10.32 6.10
N LEU A 107 1.48 10.32 6.22
CA LEU A 107 0.68 11.53 6.11
C LEU A 107 -0.58 11.35 6.95
N SER A 108 -0.68 12.12 8.03
CA SER A 108 -1.90 12.23 8.84
C SER A 108 -2.43 10.85 9.26
N SER A 109 -1.56 10.08 9.90
CA SER A 109 -1.79 8.77 10.51
C SER A 109 -1.85 7.63 9.49
N PHE A 110 -1.72 7.89 8.19
CA PHE A 110 -1.78 6.84 7.19
C PHE A 110 -0.40 6.58 6.61
N ASP A 111 -0.15 5.31 6.26
CA ASP A 111 1.09 4.91 5.61
C ASP A 111 0.80 4.55 4.16
N PHE A 112 1.62 5.08 3.26
CA PHE A 112 1.56 4.78 1.83
C PHE A 112 2.92 4.22 1.45
N VAL A 113 3.06 2.90 1.52
CA VAL A 113 4.30 2.20 1.24
C VAL A 113 4.09 1.35 0.01
N PRO A 114 4.95 1.43 -1.01
CA PRO A 114 4.72 0.65 -2.23
C PRO A 114 4.73 -0.85 -1.95
N SER A 115 4.16 -1.59 -2.90
CA SER A 115 3.93 -3.02 -2.70
C SER A 115 5.23 -3.80 -2.59
N TRP A 116 6.31 -3.31 -3.20
CA TRP A 116 7.59 -4.02 -3.16
C TRP A 116 8.31 -3.87 -1.82
N LEU A 117 7.68 -3.26 -0.81
CA LEU A 117 8.31 -3.13 0.49
C LEU A 117 7.42 -3.64 1.63
N VAL A 118 6.38 -4.41 1.32
CA VAL A 118 5.37 -4.82 2.30
C VAL A 118 5.12 -6.33 2.18
N SER A 119 4.67 -6.90 3.30
CA SER A 119 4.30 -8.32 3.42
C SER A 119 5.35 -9.25 2.82
N TRP A 120 5.00 -9.90 1.70
CA TRP A 120 5.92 -10.82 1.04
C TRP A 120 7.21 -10.14 0.61
N HIS A 121 7.21 -8.81 0.50
CA HIS A 121 8.40 -8.05 0.12
C HIS A 121 8.81 -7.09 1.22
N GLU A 122 8.49 -7.44 2.47
CA GLU A 122 8.80 -6.59 3.62
C GLU A 122 10.29 -6.23 3.66
N GLY A 123 10.56 -4.95 3.90
CA GLY A 123 11.93 -4.49 3.98
C GLY A 123 12.02 -3.17 4.73
N SER A 124 13.24 -2.82 5.10
CA SER A 124 13.52 -1.57 5.80
C SER A 124 14.08 -0.56 4.80
N MET A 125 13.39 0.57 4.65
CA MET A 125 13.86 1.62 3.75
C MET A 125 15.19 2.20 4.21
N PHE A 126 15.58 1.97 5.46
CA PHE A 126 16.79 2.55 6.02
C PHE A 126 18.01 1.64 5.89
N THR A 127 17.82 0.32 5.81
CA THR A 127 18.92 -0.63 5.75
C THR A 127 18.96 -1.48 4.48
N ASP A 128 17.86 -1.61 3.76
CA ASP A 128 17.85 -2.42 2.54
C ASP A 128 18.54 -1.65 1.43
N GLN A 129 19.67 -2.17 0.94
CA GLN A 129 20.49 -1.44 -0.01
C GLN A 129 19.76 -1.19 -1.32
N SER A 130 19.03 -2.19 -1.81
CA SER A 130 18.28 -1.99 -3.06
C SER A 130 17.11 -1.03 -2.85
N ALA A 131 16.57 -0.96 -1.64
CA ALA A 131 15.54 0.03 -1.34
C ALA A 131 16.12 1.42 -1.17
N ILE A 132 17.39 1.52 -0.78
CA ILE A 132 18.05 2.82 -0.70
C ILE A 132 18.32 3.36 -2.10
N GLU A 133 18.66 2.46 -3.03
CA GLU A 133 18.81 2.88 -4.43
C GLU A 133 17.49 3.39 -4.98
N ALA A 134 16.38 2.72 -4.65
CA ALA A 134 15.07 3.16 -5.12
C ALA A 134 14.73 4.54 -4.59
N GLN A 135 14.92 4.75 -3.28
CA GLN A 135 14.77 6.09 -2.72
C GLN A 135 15.76 7.07 -3.34
N SER A 136 16.95 6.58 -3.70
CA SER A 136 17.94 7.43 -4.35
C SER A 136 17.50 7.82 -5.76
N ALA A 137 16.97 6.86 -6.52
CA ALA A 137 16.52 7.16 -7.87
C ALA A 137 15.31 8.08 -7.86
N LEU A 138 14.40 7.89 -6.89
CA LEU A 138 13.21 8.72 -6.81
C LEU A 138 13.56 10.16 -6.43
N THR A 139 14.50 10.34 -5.51
CA THR A 139 14.91 11.70 -5.12
C THR A 139 15.51 12.44 -6.31
N GLU A 140 16.39 11.78 -7.06
CA GLU A 140 16.96 12.41 -8.26
C GLU A 140 15.89 12.64 -9.31
N ALA A 141 14.94 11.71 -9.46
CA ALA A 141 13.89 11.87 -10.45
C ALA A 141 13.00 13.07 -10.13
N ILE A 142 12.64 13.24 -8.85
CA ILE A 142 11.86 14.41 -8.45
C ILE A 142 12.62 15.69 -8.76
N TYR A 143 13.91 15.73 -8.41
CA TYR A 143 14.69 16.95 -8.66
C TYR A 143 14.89 17.17 -10.15
N GLY A 144 15.15 16.12 -10.92
CA GLY A 144 15.34 16.28 -12.35
C GLY A 144 14.08 16.81 -13.05
N THR A 145 12.92 16.30 -12.65
CA THR A 145 11.67 16.74 -13.25
C THR A 145 11.40 18.22 -12.96
N LEU A 146 11.83 18.70 -11.80
CA LEU A 146 11.54 20.05 -11.36
C LEU A 146 12.73 20.99 -11.47
N SER A 147 13.86 20.52 -12.03
CA SER A 147 15.07 21.33 -12.03
C SER A 147 14.89 22.62 -12.82
N ASP A 148 14.11 22.57 -13.90
CA ASP A 148 13.86 23.76 -14.71
C ASP A 148 12.83 24.70 -14.10
N MET A 149 12.18 24.32 -13.02
CA MET A 149 11.06 25.11 -12.51
C MET A 149 11.57 26.26 -11.64
N LYS A 150 11.08 27.46 -11.94
CA LYS A 150 11.54 28.66 -11.24
C LYS A 150 10.98 28.71 -9.82
N ALA A 151 9.79 28.18 -9.61
CA ALA A 151 9.14 28.15 -8.30
C ALA A 151 9.55 26.95 -7.46
N PHE A 152 10.36 26.05 -8.01
CA PHE A 152 10.88 24.90 -7.27
C PHE A 152 11.91 25.43 -6.27
N ALA A 153 11.52 25.47 -4.99
CA ALA A 153 12.36 26.10 -3.98
C ALA A 153 13.26 25.13 -3.24
N GLY A 154 12.86 23.88 -3.07
CA GLY A 154 13.70 22.93 -2.37
C GLY A 154 12.99 21.63 -2.11
N LEU A 155 13.75 20.69 -1.55
CA LEU A 155 13.30 19.33 -1.29
C LEU A 155 13.42 18.97 0.18
N THR A 156 12.42 18.25 0.68
CA THR A 156 12.51 17.52 1.94
C THR A 156 12.40 16.03 1.61
N LEU A 157 13.27 15.21 2.20
CA LEU A 157 13.32 13.81 1.85
C LEU A 157 11.98 13.10 2.08
N GLY A 158 11.17 13.60 3.01
CA GLY A 158 9.89 13.01 3.30
C GLY A 158 9.33 13.44 4.64
N ASN A 159 8.01 13.46 4.76
CA ASN A 159 7.35 13.93 5.97
C ASN A 159 7.50 12.92 7.09
N GLU A 160 8.31 13.27 8.10
CA GLU A 160 8.40 12.51 9.35
C GLU A 160 8.68 11.03 9.08
N CYS A 161 9.70 10.79 8.26
CA CYS A 161 10.05 9.43 7.87
C CYS A 161 10.48 8.58 9.05
N ASN A 162 10.97 9.20 10.13
CA ASN A 162 11.49 8.47 11.27
C ASN A 162 10.42 7.63 11.97
N GLN A 163 9.14 7.97 11.79
CA GLN A 163 8.07 7.20 12.41
C GLN A 163 8.06 5.75 11.94
N PHE A 164 8.68 5.45 10.79
CA PHE A 164 8.75 4.07 10.32
C PHE A 164 9.74 3.23 11.10
N THR A 165 10.75 3.84 11.72
CA THR A 165 11.76 3.09 12.46
C THR A 165 11.50 3.08 13.96
N ASP A 166 10.58 3.89 14.46
CA ASP A 166 10.29 3.92 15.89
C ASP A 166 9.62 2.60 16.32
N ALA A 167 9.88 2.20 17.56
CA ALA A 167 9.30 0.98 18.08
C ALA A 167 7.79 1.06 18.25
N THR A 168 7.23 2.27 18.25
CA THR A 168 5.78 2.41 18.35
C THR A 168 5.08 2.07 17.04
N HIS A 169 5.82 1.94 15.95
CA HIS A 169 5.21 1.69 14.66
C HIS A 169 4.78 0.23 14.56
N PRO A 170 3.56 -0.05 14.10
CA PRO A 170 3.08 -1.45 14.08
C PRO A 170 3.81 -2.34 13.07
N ARG A 171 4.57 -1.78 12.15
CA ARG A 171 5.38 -2.54 11.19
C ARG A 171 6.76 -1.91 11.04
N ARG A 172 7.42 -1.74 12.19
CA ARG A 172 8.70 -1.03 12.26
C ARG A 172 9.67 -1.49 11.18
N MET A 173 10.32 -0.52 10.53
CA MET A 173 11.46 -0.80 9.67
C MET A 173 12.72 -0.63 10.48
N PRO A 174 13.45 -1.69 10.82
CA PRO A 174 14.52 -1.57 11.80
C PRO A 174 15.72 -0.83 11.24
N ALA A 175 16.47 -0.19 12.14
CA ALA A 175 17.67 0.57 11.82
C ALA A 175 18.30 1.11 13.10
N ASN A 176 19.63 1.05 13.21
CA ASN A 176 20.32 1.69 14.32
C ASN A 176 20.66 3.13 13.96
N ALA A 177 21.22 3.86 14.94
CA ALA A 177 21.51 5.28 14.74
C ALA A 177 22.55 5.51 13.66
N GLU A 178 23.51 4.59 13.51
CA GLU A 178 24.51 4.74 12.45
C GLU A 178 23.86 4.57 11.07
N GLN A 179 23.00 3.57 10.93
CA GLN A 179 22.34 3.35 9.65
C GLN A 179 21.42 4.51 9.29
N ILE A 180 20.79 5.14 10.29
CA ILE A 180 19.97 6.30 10.03
C ILE A 180 20.82 7.48 9.55
N GLY A 181 22.01 7.65 10.15
CA GLY A 181 22.91 8.70 9.70
C GLY A 181 23.38 8.48 8.27
N GLU A 182 23.73 7.24 7.92
CA GLU A 182 24.11 6.95 6.55
C GLU A 182 22.94 7.12 5.59
N TRP A 183 21.72 6.80 6.05
CA TRP A 183 20.53 6.98 5.21
C TRP A 183 20.35 8.45 4.84
N LEU A 184 20.41 9.34 5.84
CA LEU A 184 20.31 10.77 5.58
C LEU A 184 21.44 11.23 4.66
N ASP A 185 22.67 10.78 4.92
CA ASP A 185 23.82 11.22 4.15
C ASP A 185 23.72 10.78 2.69
N THR A 186 23.15 9.60 2.44
CA THR A 186 23.08 9.08 1.07
C THR A 186 22.09 9.89 0.24
N LEU A 187 20.87 10.06 0.72
CA LEU A 187 19.85 10.75 -0.07
C LEU A 187 20.14 12.24 -0.14
N ILE A 188 20.48 12.86 0.99
CA ILE A 188 20.79 14.29 0.99
C ILE A 188 22.00 14.57 0.10
N GLY A 189 23.03 13.71 0.20
CA GLY A 189 24.23 13.89 -0.58
C GLY A 189 24.06 13.76 -2.09
N LEU A 190 22.99 13.10 -2.54
CA LEU A 190 22.78 12.96 -3.98
C LEU A 190 22.56 14.30 -4.67
N VAL A 191 21.81 15.18 -4.03
CA VAL A 191 21.34 16.41 -4.66
C VAL A 191 21.80 17.64 -3.89
N ALA A 192 22.72 17.47 -2.95
CA ALA A 192 23.14 18.59 -2.09
C ALA A 192 23.90 19.64 -2.89
N LYS A 193 24.81 19.20 -3.76
CA LYS A 193 25.57 20.17 -4.54
C LYS A 193 24.78 20.75 -5.70
N ARG A 194 23.89 19.96 -6.34
CA ARG A 194 22.98 20.59 -7.28
C ARG A 194 22.14 21.66 -6.61
N CYS A 195 21.65 21.40 -5.39
CA CYS A 195 20.84 22.38 -4.69
C CYS A 195 21.62 23.65 -4.42
N ARG A 196 22.90 23.52 -4.06
CA ARG A 196 23.69 24.72 -3.78
C ARG A 196 23.95 25.52 -5.04
N ARG A 197 24.30 24.85 -6.13
CA ARG A 197 24.55 25.53 -7.38
C ARG A 197 23.26 26.12 -7.96
N ASP A 198 22.14 25.43 -7.79
CA ASP A 198 20.87 25.88 -8.34
C ASP A 198 20.17 26.94 -7.48
N GLY A 199 20.59 27.12 -6.23
CA GLY A 199 19.89 28.06 -5.38
C GLY A 199 18.69 27.49 -4.67
N ARG A 200 18.69 26.17 -4.41
CA ARG A 200 17.61 25.50 -3.72
C ARG A 200 18.15 24.83 -2.46
N LEU A 201 17.24 24.34 -1.62
CA LEU A 201 17.59 23.70 -0.37
C LEU A 201 17.19 22.23 -0.37
N ILE A 202 18.00 21.42 0.32
CA ILE A 202 17.70 20.03 0.61
C ILE A 202 17.65 19.87 2.12
N ALA A 203 16.63 19.17 2.61
CA ALA A 203 16.43 19.04 4.05
C ALA A 203 15.72 17.71 4.33
N HIS A 204 15.63 17.38 5.61
CA HIS A 204 14.93 16.18 6.06
C HIS A 204 14.04 16.53 7.24
N SER A 205 13.03 15.67 7.47
CA SER A 205 11.98 15.95 8.43
C SER A 205 11.79 14.78 9.38
N GLU A 206 11.63 15.10 10.66
CA GLU A 206 11.37 14.10 11.70
C GLU A 206 10.33 14.66 12.66
N ASN A 207 9.48 13.78 13.18
CA ASN A 207 8.55 14.21 14.22
C ASN A 207 9.33 14.44 15.52
N ASP A 208 8.62 14.89 16.55
CA ASP A 208 9.25 15.31 17.79
C ASP A 208 9.93 14.16 18.55
N ALA A 209 9.81 12.92 18.08
CA ALA A 209 10.51 11.81 18.73
C ALA A 209 12.02 11.98 18.64
N ILE A 210 12.50 12.70 17.63
CA ILE A 210 13.95 12.94 17.53
C ILE A 210 14.43 13.79 18.69
N TRP A 211 13.54 14.59 19.28
CA TRP A 211 13.89 15.41 20.44
C TRP A 211 13.43 14.81 21.75
N TYR A 212 12.48 13.86 21.72
CA TYR A 212 11.77 13.44 22.92
C TYR A 212 11.88 11.96 23.24
N ALA A 213 12.26 11.10 22.29
CA ALA A 213 12.18 9.65 22.47
C ALA A 213 13.56 9.07 22.76
N ASP A 214 13.74 8.56 23.97
CA ASP A 214 14.97 7.85 24.31
C ASP A 214 15.03 6.52 23.57
N GLY A 215 16.22 6.18 23.06
CA GLY A 215 16.39 4.99 22.25
C GLY A 215 16.04 5.19 20.79
N HIS A 216 15.56 6.37 20.41
CA HIS A 216 15.20 6.67 19.04
C HIS A 216 16.45 6.72 18.16
N ALA A 217 16.40 6.04 17.01
CA ALA A 217 17.56 5.94 16.14
C ALA A 217 17.90 7.25 15.43
N PHE A 218 16.98 8.21 15.43
CA PHE A 218 17.25 9.54 14.89
C PHE A 218 17.74 10.44 16.02
N LEU A 219 18.98 10.91 15.91
CA LEU A 219 19.54 11.71 16.98
C LEU A 219 19.29 13.19 16.72
N PRO A 220 19.15 13.99 17.79
CA PRO A 220 18.89 15.43 17.62
C PRO A 220 19.88 16.13 16.69
N ARG A 221 21.16 15.74 16.72
CA ARG A 221 22.16 16.38 15.89
C ARG A 221 21.96 16.08 14.41
N TYR A 222 21.18 15.06 14.06
CA TYR A 222 20.86 14.83 12.65
C TYR A 222 20.00 15.95 12.08
N ALA A 223 18.98 16.37 12.83
CA ALA A 223 18.09 17.42 12.35
C ALA A 223 18.79 18.77 12.30
N SER A 224 19.81 18.98 13.14
CA SER A 224 20.45 20.28 13.29
C SER A 224 21.81 20.37 12.60
N CYS A 225 22.27 19.31 11.93
CA CYS A 225 23.56 19.37 11.26
C CYS A 225 23.47 18.85 9.83
N LYS A 226 22.57 17.92 9.58
CA LYS A 226 22.38 17.36 8.25
C LYS A 226 21.26 18.10 7.53
N GLY A 227 21.46 18.33 6.24
CA GLY A 227 20.57 19.18 5.47
C GLY A 227 20.93 20.65 5.61
N ASP A 228 20.29 21.47 4.78
CA ASP A 228 20.60 22.90 4.77
C ASP A 228 19.91 23.66 5.89
N VAL A 229 18.74 23.20 6.32
CA VAL A 229 17.98 23.89 7.35
C VAL A 229 17.41 22.85 8.32
N THR A 230 17.21 23.28 9.57
CA THR A 230 16.58 22.42 10.57
C THR A 230 15.08 22.52 10.43
N THR A 231 14.42 21.39 10.21
CA THR A 231 12.96 21.35 10.16
C THR A 231 12.41 20.93 11.52
N VAL A 232 11.28 21.51 11.88
CA VAL A 232 10.64 21.22 13.16
C VAL A 232 9.13 21.17 12.95
N HIS A 233 8.48 20.17 13.53
CA HIS A 233 7.03 20.03 13.48
C HIS A 233 6.50 20.13 14.90
N SER A 234 5.76 21.20 15.17
CA SER A 234 5.27 21.52 16.52
C SER A 234 3.81 21.10 16.63
N TRP A 235 3.55 20.04 17.40
CA TRP A 235 2.20 19.58 17.66
C TRP A 235 2.02 19.41 19.16
N VAL A 236 1.02 20.11 19.72
CA VAL A 236 0.85 20.16 21.17
C VAL A 236 -0.12 19.08 21.64
N PHE A 237 -0.37 18.07 20.82
CA PHE A 237 -0.99 16.85 21.32
C PHE A 237 0.04 15.82 21.75
N ASN A 238 1.33 16.12 21.59
CA ASN A 238 2.41 15.22 22.00
C ASN A 238 2.54 15.08 23.51
N GLY A 239 1.64 15.67 24.30
CA GLY A 239 1.73 15.65 25.75
C GLY A 239 1.80 17.04 26.37
N THR A 240 2.25 18.03 25.62
CA THR A 240 2.40 19.37 26.19
C THR A 240 1.06 20.00 26.53
N GLY A 241 0.07 19.82 25.66
CA GLY A 241 -1.24 20.41 25.89
C GLY A 241 -2.07 19.73 26.97
N GLN A 242 -1.96 18.41 27.11
CA GLN A 242 -2.73 17.76 28.17
C GLN A 242 -2.07 17.92 29.53
N HIS A 243 -0.73 17.95 29.57
CA HIS A 243 -0.02 18.07 30.85
C HIS A 243 -0.14 19.48 31.40
N TYR A 244 0.23 20.48 30.59
CA TYR A 244 0.32 21.86 31.05
C TYR A 244 -0.95 22.66 30.80
N GLY A 245 -1.79 22.24 29.87
CA GLY A 245 -2.96 23.01 29.52
C GLY A 245 -2.91 23.43 28.07
N PRO A 246 -4.07 23.46 27.41
CA PRO A 246 -4.08 23.79 25.98
C PRO A 246 -3.36 25.09 25.65
N MET A 247 -3.58 26.14 26.44
CA MET A 247 -2.95 27.43 26.19
C MET A 247 -2.05 27.85 27.34
N SER A 248 -1.27 26.90 27.85
CA SER A 248 -0.25 27.25 28.81
C SER A 248 0.92 27.92 28.09
N CYS A 249 1.81 28.52 28.87
CA CYS A 249 3.03 29.05 28.26
C CYS A 249 3.89 27.93 27.70
N GLU A 250 3.79 26.73 28.27
CA GLU A 250 4.49 25.57 27.71
C GLU A 250 3.90 25.19 26.35
N SER A 251 2.58 25.26 26.21
CA SER A 251 1.93 24.85 24.97
C SER A 251 2.03 25.93 23.90
N LEU A 252 1.67 27.17 24.25
CA LEU A 252 1.71 28.26 23.27
C LEU A 252 3.14 28.53 22.81
N GLY A 253 4.12 28.30 23.66
CA GLY A 253 5.52 28.46 23.32
C GLY A 253 6.22 27.21 22.85
N HIS A 254 5.49 26.11 22.61
CA HIS A 254 6.12 24.85 22.24
C HIS A 254 6.90 24.99 20.93
N ALA A 255 6.33 25.70 19.95
CA ALA A 255 7.02 25.87 18.68
C ALA A 255 8.32 26.65 18.87
N ALA A 256 8.29 27.72 19.65
CA ALA A 256 9.51 28.45 19.97
C ALA A 256 10.50 27.57 20.74
N TRP A 257 9.99 26.73 21.66
CA TRP A 257 10.86 25.85 22.42
C TRP A 257 11.56 24.84 21.52
N LEU A 258 10.85 24.30 20.53
CA LEU A 258 11.49 23.39 19.57
C LEU A 258 12.52 24.13 18.71
N VAL A 259 12.26 25.40 18.40
CA VAL A 259 13.25 26.20 17.66
C VAL A 259 14.53 26.33 18.46
N GLU A 260 14.43 26.84 19.69
CA GLU A 260 15.62 27.11 20.49
C GLU A 260 16.31 25.82 20.91
N LEU A 261 15.56 24.75 21.15
CA LEU A 261 16.18 23.47 21.51
C LEU A 261 17.05 22.93 20.39
N SER A 262 16.55 23.00 19.15
CA SER A 262 17.26 22.40 18.02
C SER A 262 18.62 23.06 17.80
N LYS A 263 18.75 24.34 18.14
CA LYS A 263 20.02 25.05 17.90
C LYS A 263 21.17 24.47 18.72
N ALA A 264 20.88 23.94 19.91
CA ALA A 264 21.95 23.47 20.78
C ALA A 264 22.77 22.35 20.12
N PHE A 265 22.13 21.52 19.31
CA PHE A 265 22.80 20.39 18.69
C PHE A 265 23.30 20.70 17.29
N ALA A 266 23.25 21.97 16.89
CA ALA A 266 23.75 22.41 15.58
C ALA A 266 25.18 22.90 15.70
N ALA A 267 25.99 22.58 14.69
CA ALA A 267 27.35 23.09 14.65
C ALA A 267 27.39 24.54 14.15
N ASP A 268 26.56 24.87 13.18
CA ASP A 268 26.46 26.22 12.64
C ASP A 268 25.75 27.13 13.64
N PRO A 269 26.40 28.17 14.16
CA PRO A 269 25.78 28.99 15.21
C PRO A 269 24.60 29.85 14.74
N HIS A 270 24.42 30.06 13.43
CA HIS A 270 23.31 30.83 12.90
C HIS A 270 22.52 30.03 11.87
N ARG A 271 22.52 28.72 12.03
CA ARG A 271 21.75 27.86 11.14
C ARG A 271 20.28 28.23 11.20
N PRO A 272 19.61 28.42 10.07
CA PRO A 272 18.18 28.75 10.12
C PRO A 272 17.37 27.56 10.62
N VAL A 273 16.28 27.86 11.31
CA VAL A 273 15.36 26.85 11.82
C VAL A 273 14.01 27.07 11.18
N TRP A 274 13.47 26.03 10.55
CA TRP A 274 12.22 26.10 9.80
C TRP A 274 11.18 25.28 10.54
N VAL A 275 10.18 25.94 11.12
CA VAL A 275 9.05 25.20 11.67
C VAL A 275 8.20 24.72 10.51
N GLN A 276 8.51 23.53 9.99
CA GLN A 276 7.94 23.07 8.74
C GLN A 276 6.46 22.73 8.87
N ALA A 277 5.99 22.47 10.09
CA ALA A 277 4.59 22.12 10.30
C ALA A 277 4.18 22.52 11.70
N ILE A 278 3.02 23.17 11.80
CA ILE A 278 2.44 23.54 13.07
C ILE A 278 0.95 23.77 12.87
N GLY A 279 0.13 23.23 13.78
CA GLY A 279 -1.30 23.43 13.72
C GLY A 279 -1.86 23.54 15.12
N ALA A 280 -3.16 23.89 15.19
CA ALA A 280 -3.90 23.96 16.43
C ALA A 280 -4.83 22.76 16.52
N PRO A 281 -4.37 21.62 17.03
CA PRO A 281 -5.18 20.40 16.97
C PRO A 281 -6.38 20.47 17.91
N GLY A 282 -7.54 20.07 17.39
CA GLY A 282 -8.77 20.15 18.14
C GLY A 282 -8.86 19.19 19.31
N ASN A 283 -8.01 18.16 19.34
CA ASN A 283 -8.08 17.20 20.44
C ASN A 283 -7.52 17.75 21.74
N VAL A 284 -6.68 18.77 21.70
CA VAL A 284 -6.16 19.38 22.92
C VAL A 284 -6.49 20.86 22.97
N ILE A 285 -6.69 21.48 21.81
CA ILE A 285 -7.05 22.90 21.71
C ILE A 285 -8.49 22.98 21.23
N ASP A 286 -9.27 23.86 21.84
CA ASP A 286 -10.64 24.06 21.41
C ASP A 286 -10.72 25.01 20.22
N SER A 287 -11.74 24.80 19.40
CA SER A 287 -11.92 25.62 18.21
C SER A 287 -12.08 27.09 18.56
N ALA A 288 -12.81 27.40 19.64
CA ALA A 288 -13.01 28.79 20.03
C ALA A 288 -11.69 29.48 20.34
N ASP A 289 -10.69 28.72 20.82
CA ASP A 289 -9.39 29.28 21.16
C ASP A 289 -8.35 29.10 20.07
N ALA A 290 -8.58 28.20 19.12
CA ALA A 290 -7.60 27.91 18.08
C ALA A 290 -7.03 29.15 17.39
N PRO A 291 -7.81 30.22 17.11
CA PRO A 291 -7.17 31.44 16.57
C PRO A 291 -6.12 32.02 17.50
N GLU A 292 -6.38 32.06 18.81
CA GLU A 292 -5.38 32.58 19.73
C GLU A 292 -4.13 31.70 19.76
N PHE A 293 -4.29 30.38 19.66
CA PHE A 293 -3.11 29.51 19.60
C PHE A 293 -2.25 29.85 18.39
N CYS A 294 -2.88 30.14 17.25
CA CYS A 294 -2.13 30.49 16.06
C CYS A 294 -1.36 31.80 16.25
N ARG A 295 -2.03 32.85 16.73
CA ARG A 295 -1.39 34.16 16.80
C ARG A 295 -0.23 34.15 17.78
N ARG A 296 -0.47 33.65 19.00
CA ARG A 296 0.51 33.71 20.08
C ARG A 296 1.66 32.72 19.86
N SER A 297 1.39 31.57 19.24
CA SER A 297 2.49 30.67 18.92
C SER A 297 3.42 31.30 17.90
N ILE A 298 2.87 32.03 16.93
CA ILE A 298 3.70 32.73 15.96
C ILE A 298 4.40 33.92 16.61
N ASP A 299 3.76 34.58 17.57
CA ASP A 299 4.48 35.57 18.37
C ASP A 299 5.67 34.94 19.06
N ALA A 300 5.50 33.72 19.59
CA ALA A 300 6.61 33.04 20.24
C ALA A 300 7.72 32.69 19.25
N ILE A 301 7.34 32.23 18.05
CA ILE A 301 8.34 31.90 17.04
C ILE A 301 9.05 33.16 16.56
N ALA A 302 8.29 34.23 16.34
CA ALA A 302 8.86 35.47 15.82
C ALA A 302 9.93 36.07 16.73
N ASP A 303 9.94 35.70 18.01
CA ASP A 303 10.96 36.19 18.92
C ASP A 303 12.23 35.35 18.88
N CYS A 304 12.23 34.23 18.18
CA CYS A 304 13.48 33.49 18.12
C CYS A 304 14.26 33.92 16.89
N PRO A 305 15.56 34.20 17.03
CA PRO A 305 16.36 34.54 15.85
C PRO A 305 16.54 33.37 14.92
N ASP A 306 16.83 33.68 13.66
CA ASP A 306 17.26 32.70 12.66
C ASP A 306 16.18 31.67 12.35
N VAL A 307 14.93 32.11 12.32
CA VAL A 307 13.81 31.27 11.90
C VAL A 307 13.66 31.36 10.39
N PHE A 308 13.86 30.23 9.70
CA PHE A 308 13.73 30.19 8.25
C PHE A 308 12.31 30.56 7.81
N GLY A 309 11.31 29.96 8.44
CA GLY A 309 9.93 30.27 8.07
C GLY A 309 8.95 29.51 8.94
N VAL A 310 7.67 29.81 8.70
CA VAL A 310 6.56 29.19 9.44
C VAL A 310 5.55 28.67 8.43
N THR A 311 5.37 27.35 8.39
CA THR A 311 4.48 26.69 7.43
C THR A 311 3.35 26.02 8.19
N TRP A 312 2.14 26.55 8.07
CA TRP A 312 1.01 26.08 8.84
C TRP A 312 0.44 24.78 8.29
N TRP A 313 -0.22 24.03 9.16
CA TRP A 313 -0.95 22.83 8.77
C TRP A 313 -2.41 23.02 9.16
N CYS A 314 -3.30 23.01 8.17
CA CYS A 314 -2.93 22.85 6.77
C CYS A 314 -3.74 23.81 5.90
N SER A 315 -3.71 23.56 4.59
CA SER A 315 -4.34 24.47 3.64
C SER A 315 -5.86 24.35 3.68
N HIS A 316 -6.40 23.21 3.24
CA HIS A 316 -7.84 23.00 3.13
C HIS A 316 -8.25 21.78 3.93
N ARG A 317 -9.35 21.92 4.68
CA ARG A 317 -9.83 20.85 5.54
C ARG A 317 -10.13 19.58 4.75
N ILE A 318 -9.97 18.45 5.42
CA ILE A 318 -10.30 17.15 4.81
C ILE A 318 -11.81 17.04 4.66
N PRO A 319 -12.31 16.58 3.51
CA PRO A 319 -13.76 16.45 3.34
C PRO A 319 -14.39 15.51 4.36
N SER A 320 -15.61 15.87 4.77
CA SER A 320 -16.34 15.09 5.78
C SER A 320 -16.57 13.64 5.36
N ALA A 321 -16.56 13.36 4.05
CA ALA A 321 -16.86 12.02 3.57
C ALA A 321 -15.72 11.03 3.78
N PHE A 322 -14.50 11.50 4.01
CA PHE A 322 -13.36 10.62 4.21
C PHE A 322 -13.34 10.15 5.67
N SER A 323 -12.94 8.90 5.86
CA SER A 323 -13.08 8.23 7.16
C SER A 323 -11.74 7.71 7.65
N ASP A 324 -11.74 7.31 8.92
CA ASP A 324 -10.62 6.72 9.66
C ASP A 324 -9.52 7.72 9.99
N PHE A 325 -9.71 9.00 9.67
CA PHE A 325 -8.84 10.03 10.21
C PHE A 325 -9.15 10.27 11.69
N PRO A 326 -8.15 10.61 12.49
CA PRO A 326 -8.44 11.16 13.82
C PRO A 326 -9.31 12.39 13.68
N PHE A 327 -10.36 12.47 14.52
CA PHE A 327 -11.37 13.50 14.36
C PHE A 327 -10.78 14.90 14.24
N PHE A 328 -9.80 15.22 15.07
CA PHE A 328 -9.22 16.56 15.07
C PHE A 328 -8.59 16.91 13.73
N GLU A 329 -8.24 15.91 12.92
CA GLU A 329 -7.58 16.14 11.64
C GLU A 329 -8.49 16.86 10.64
N HIS A 330 -9.80 16.70 10.77
CA HIS A 330 -10.72 17.27 9.79
C HIS A 330 -10.80 18.80 9.87
N GLN A 331 -10.50 19.40 11.01
CA GLN A 331 -10.63 20.84 11.18
C GLN A 331 -9.32 21.59 11.03
N LEU A 332 -8.24 20.92 10.66
CA LEU A 332 -6.93 21.56 10.65
C LEU A 332 -6.77 22.59 9.53
N GLY A 333 -7.63 22.55 8.52
CA GLY A 333 -7.42 23.40 7.36
C GLY A 333 -7.70 24.85 7.67
N LEU A 334 -6.96 25.72 6.96
CA LEU A 334 -7.19 27.16 7.06
C LEU A 334 -8.43 27.59 6.28
N PHE A 335 -8.86 26.79 5.29
CA PHE A 335 -10.08 27.05 4.55
C PHE A 335 -11.04 25.89 4.77
N ASP A 336 -12.32 26.21 4.96
CA ASP A 336 -13.31 25.20 5.27
C ASP A 336 -13.63 24.36 4.02
N VAL A 337 -14.53 23.39 4.21
CA VAL A 337 -14.87 22.48 3.12
C VAL A 337 -15.54 23.21 1.97
N ASP A 338 -16.25 24.31 2.26
CA ASP A 338 -16.87 25.12 1.23
C ASP A 338 -15.98 26.26 0.77
N GLY A 339 -14.68 26.21 1.06
CA GLY A 339 -13.72 27.18 0.58
C GLY A 339 -13.66 28.50 1.33
N THR A 340 -14.49 28.71 2.33
CA THR A 340 -14.49 29.96 3.06
C THR A 340 -13.38 29.99 4.12
N LEU A 341 -13.02 31.20 4.53
CA LEU A 341 -11.89 31.38 5.44
C LEU A 341 -12.27 30.98 6.86
N THR A 342 -11.38 30.24 7.51
CA THR A 342 -11.58 29.80 8.88
C THR A 342 -11.11 30.90 9.84
N ASP A 343 -11.57 30.78 11.10
CA ASP A 343 -11.16 31.71 12.13
C ASP A 343 -9.66 31.72 12.34
N VAL A 344 -9.02 30.54 12.28
CA VAL A 344 -7.56 30.47 12.32
C VAL A 344 -6.97 30.96 11.00
N GLY A 345 -7.68 30.76 9.89
CA GLY A 345 -7.22 31.30 8.63
C GLY A 345 -7.09 32.81 8.65
N LYS A 346 -7.94 33.47 9.44
CA LYS A 346 -7.79 34.91 9.65
C LYS A 346 -6.64 35.21 10.60
N ALA A 347 -6.39 34.32 11.56
CA ALA A 347 -5.28 34.51 12.49
C ALA A 347 -3.95 34.32 11.78
N PHE A 348 -3.84 33.29 10.94
CA PHE A 348 -2.61 33.09 10.19
C PHE A 348 -2.40 34.22 9.19
N ARG A 349 -3.47 34.64 8.49
CA ARG A 349 -3.37 35.78 7.59
C ARG A 349 -2.94 37.04 8.32
N ASP A 350 -3.54 37.30 9.49
CA ASP A 350 -3.15 38.47 10.27
C ASP A 350 -1.76 38.34 10.86
N ALA A 351 -1.32 37.11 11.16
CA ALA A 351 0.01 36.92 11.72
C ALA A 351 1.10 37.15 10.68
N ILE A 352 0.83 36.79 9.43
CA ILE A 352 1.77 37.07 8.35
C ILE A 352 2.08 38.55 8.29
N ALA A 353 1.04 39.39 8.37
CA ALA A 353 1.24 40.84 8.36
C ALA A 353 1.99 41.31 9.59
N THR A 354 1.60 40.79 10.76
CA THR A 354 2.19 41.28 12.02
C THR A 354 3.69 40.98 12.10
N HIS A 355 4.16 39.91 11.43
CA HIS A 355 5.52 39.45 11.60
C HIS A 355 6.30 39.39 10.28
N ARG A 356 5.82 40.05 9.22
CA ARG A 356 6.56 40.04 7.96
C ARG A 356 7.91 40.76 8.08
N ASP A 357 8.01 41.74 8.98
CA ASP A 357 9.22 42.52 9.14
C ASP A 357 9.85 42.40 10.52
N THR A 358 9.22 41.70 11.44
CA THR A 358 9.75 41.62 12.80
C THR A 358 11.04 40.81 12.80
N VAL A 359 12.08 41.39 13.38
CA VAL A 359 13.36 40.71 13.55
C VAL A 359 13.56 40.42 15.03
N ALA A 360 14.22 39.31 15.31
CA ALA A 360 14.35 38.88 16.70
C ALA A 360 15.73 39.19 17.21
N PRO A 361 15.86 39.81 18.38
CA PRO A 361 17.19 40.09 18.94
C PRO A 361 17.89 38.81 19.35
N PRO A 362 19.22 38.82 19.44
CA PRO A 362 19.94 37.63 19.90
C PRO A 362 19.56 37.28 21.33
N ARG A 363 19.58 35.99 21.66
CA ARG A 363 19.21 35.50 22.98
C ARG A 363 20.46 35.22 23.81
N THR A 364 20.50 35.80 25.00
CA THR A 364 21.72 35.89 25.79
C THR A 364 21.88 34.78 26.82
N THR A 365 20.80 34.35 27.47
CA THR A 365 20.87 33.34 28.53
C THR A 365 20.45 31.98 27.98
N ALA A 366 21.34 30.99 28.11
CA ALA A 366 21.13 29.67 27.52
C ALA A 366 20.90 28.62 28.60
N ILE A 367 20.15 27.58 28.22
CA ILE A 367 19.94 26.42 29.09
C ILE A 367 20.92 25.34 28.67
N VAL A 368 21.70 24.85 29.63
CA VAL A 368 22.66 23.79 29.37
C VAL A 368 21.94 22.45 29.36
N ILE A 369 22.20 21.65 28.34
CA ILE A 369 21.68 20.29 28.22
C ILE A 369 22.86 19.33 28.34
N PRO A 370 22.94 18.51 29.39
CA PRO A 370 24.01 17.52 29.49
C PRO A 370 23.93 16.53 28.34
N VAL A 371 25.07 16.31 27.68
CA VAL A 371 25.12 15.57 26.43
C VAL A 371 26.29 14.59 26.47
N ASP A 372 26.23 13.62 25.54
CA ASP A 372 27.24 12.61 25.33
C ASP A 372 28.61 13.19 24.97
N GLU A 373 29.60 12.32 24.72
CA GLU A 373 30.88 12.78 24.17
C GLU A 373 30.70 13.23 22.73
N GLN A 374 29.57 12.88 22.11
CA GLN A 374 29.33 13.10 20.70
C GLN A 374 28.07 13.93 20.44
N GLY A 375 27.61 14.68 21.43
CA GLY A 375 26.53 15.61 21.21
C GLY A 375 25.13 15.09 21.49
N ASP A 376 24.99 13.86 22.01
CA ASP A 376 23.64 13.35 22.22
C ASP A 376 23.23 13.40 23.68
N PRO A 377 21.94 13.60 23.96
CA PRO A 377 21.50 13.78 25.35
C PRO A 377 21.63 12.51 26.18
N LEU A 378 21.91 12.71 27.48
CA LEU A 378 21.91 11.60 28.42
C LEU A 378 20.50 11.07 28.63
N MET A 379 19.53 11.97 28.81
CA MET A 379 18.14 11.61 29.06
C MET A 379 17.27 12.53 28.22
N ARG A 380 16.77 12.02 27.10
CA ARG A 380 15.90 12.82 26.25
C ARG A 380 14.57 13.10 26.92
N ALA A 381 14.11 12.21 27.81
CA ALA A 381 12.86 12.44 28.53
C ALA A 381 12.94 13.66 29.43
N ALA A 382 14.12 14.27 29.58
CA ALA A 382 14.27 15.53 30.30
C ALA A 382 14.02 16.74 29.40
N GLN A 383 14.19 16.59 28.08
CA GLN A 383 13.72 17.61 27.14
C GLN A 383 12.28 17.39 26.73
N ALA A 384 11.68 16.27 27.12
CA ALA A 384 10.31 15.94 26.77
C ALA A 384 9.34 16.68 27.68
N PRO A 385 8.08 16.77 27.29
CA PRO A 385 7.07 17.38 28.17
C PRO A 385 7.07 16.73 29.54
N GLY A 386 7.05 17.58 30.58
CA GLY A 386 7.17 17.11 31.95
C GLY A 386 8.58 17.08 32.49
N GLY A 387 9.61 17.24 31.63
CA GLY A 387 10.98 17.17 32.09
C GLY A 387 11.51 18.49 32.61
N SER A 388 12.64 18.41 33.32
CA SER A 388 13.20 19.59 33.99
C SER A 388 13.70 20.61 32.98
N LEU A 389 14.45 20.16 31.98
CA LEU A 389 14.95 21.06 30.95
C LEU A 389 13.80 21.72 30.18
N PHE A 390 12.79 20.92 29.81
CA PHE A 390 11.60 21.44 29.15
C PHE A 390 10.96 22.55 29.98
N GLU A 391 10.76 22.29 31.27
CA GLU A 391 10.12 23.27 32.15
C GLU A 391 11.04 24.43 32.47
N ALA A 392 12.35 24.19 32.55
CA ALA A 392 13.29 25.28 32.81
C ALA A 392 13.23 26.32 31.70
N TRP A 393 13.05 25.90 30.45
CA TRP A 393 12.97 26.84 29.35
C TRP A 393 11.63 27.58 29.35
N ALA A 394 10.53 26.84 29.51
CA ALA A 394 9.22 27.46 29.58
C ALA A 394 9.13 28.46 30.73
N ASN A 395 9.68 28.09 31.89
CA ASN A 395 9.65 29.00 33.04
C ASN A 395 10.52 30.22 32.81
N LEU A 396 11.70 30.04 32.23
CA LEU A 396 12.57 31.18 31.94
C LEU A 396 11.94 32.09 30.89
N ASN A 397 11.39 31.51 29.82
CA ASN A 397 10.77 32.31 28.77
C ASN A 397 9.49 32.99 29.25
N ARG A 398 8.70 32.30 30.07
CA ARG A 398 7.46 32.87 30.58
C ARG A 398 7.69 34.19 31.28
N GLN A 399 8.79 34.29 32.02
CA GLN A 399 9.21 35.46 32.75
C GLN A 399 9.87 36.52 31.89
N GLY A 400 9.83 36.35 30.56
CA GLY A 400 10.39 37.34 29.67
C GLY A 400 11.90 37.37 29.58
N GLU A 401 12.57 36.23 29.71
CA GLU A 401 14.03 36.17 29.68
C GLU A 401 14.57 35.76 28.32
N ARG A 402 13.69 35.42 27.38
CA ARG A 402 14.02 35.02 26.01
C ARG A 402 15.23 34.06 25.97
N PRO A 403 15.14 32.91 26.65
CA PRO A 403 16.32 32.04 26.77
C PRO A 403 16.54 31.22 25.52
N CYS A 404 17.81 30.87 25.31
CA CYS A 404 18.19 29.91 24.29
C CYS A 404 18.59 28.60 24.96
N VAL A 405 19.14 27.67 24.18
CA VAL A 405 19.46 26.34 24.66
C VAL A 405 20.84 25.95 24.16
N ILE A 406 21.66 25.40 25.05
CA ILE A 406 23.02 24.98 24.72
C ILE A 406 23.27 23.60 25.31
N THR A 407 24.28 22.93 24.78
CA THR A 407 24.68 21.64 25.31
C THR A 407 25.80 21.81 26.32
N SER A 408 26.03 20.74 27.10
CA SER A 408 27.13 20.77 28.06
C SER A 408 28.48 20.84 27.35
N LEU A 409 28.58 20.24 26.16
CA LEU A 409 29.83 20.26 25.42
C LEU A 409 30.18 21.67 24.97
N ASP A 410 29.22 22.38 24.37
CA ASP A 410 29.48 23.76 23.96
C ASP A 410 29.66 24.69 25.14
N ALA A 411 29.09 24.33 26.30
CA ALA A 411 29.19 25.19 27.48
C ALA A 411 30.62 25.31 27.99
N GLY A 412 31.50 24.38 27.63
CA GLY A 412 32.89 24.43 28.03
C GLY A 412 33.84 24.74 26.89
N ASN A 413 33.45 25.65 26.00
CA ASN A 413 34.25 25.99 24.83
C ASN A 413 33.97 27.44 24.47
N PRO A 414 34.78 28.37 24.98
CA PRO A 414 34.44 29.81 24.83
C PRO A 414 34.36 30.29 23.39
N ALA A 415 34.88 29.54 22.42
CA ALA A 415 34.76 29.97 21.03
C ALA A 415 33.31 29.95 20.57
N LYS A 416 32.65 28.80 20.68
CA LYS A 416 31.26 28.68 20.26
C LYS A 416 30.35 29.59 21.09
N LEU A 417 30.63 29.71 22.38
CA LEU A 417 29.87 30.60 23.26
C LEU A 417 29.97 32.04 22.79
N ALA A 418 31.12 32.44 22.25
CA ALA A 418 31.28 33.79 21.71
C ALA A 418 30.56 33.97 20.38
N ASN A 419 30.66 33.00 19.48
CA ASN A 419 30.03 33.10 18.17
C ASN A 419 28.51 33.26 18.29
N ARG A 420 27.91 32.65 19.31
CA ARG A 420 26.47 32.73 19.55
C ARG A 420 26.09 33.82 20.54
N GLY A 421 27.07 34.50 21.12
CA GLY A 421 26.78 35.62 22.00
C GLY A 421 26.12 35.26 23.31
N ILE A 422 26.41 34.09 23.87
CA ILE A 422 25.85 33.73 25.17
C ILE A 422 26.71 34.34 26.26
N VAL A 423 26.06 34.87 27.30
CA VAL A 423 26.76 35.49 28.41
C VAL A 423 26.27 34.93 29.75
N ARG A 424 25.18 34.17 29.71
CA ARG A 424 24.64 33.59 30.93
C ARG A 424 24.21 32.15 30.66
N LEU A 425 24.63 31.25 31.54
CA LEU A 425 24.35 29.81 31.47
C LEU A 425 23.47 29.37 32.64
N GLU A 426 22.85 28.20 32.46
CA GLU A 426 21.95 27.66 33.48
C GLU A 426 22.10 26.14 33.52
N ARG A 427 22.66 25.62 34.60
CA ARG A 427 22.69 24.17 34.78
C ARG A 427 21.45 23.75 35.54
N VAL A 428 20.82 22.67 35.10
CA VAL A 428 19.65 22.11 35.76
C VAL A 428 19.84 20.61 35.83
N GLU A 429 19.48 20.02 36.96
CA GLU A 429 19.64 18.58 37.11
C GLU A 429 18.50 17.86 36.40
N LEU A 430 18.82 16.68 35.89
CA LEU A 430 17.93 15.94 34.99
C LEU A 430 16.86 15.18 35.78
N VAL A 431 15.60 15.51 35.52
CA VAL A 431 14.47 14.71 35.98
C VAL A 431 13.61 14.41 34.75
N ALA A 432 13.28 13.14 34.57
CA ALA A 432 12.58 12.71 33.37
C ALA A 432 11.13 13.17 33.37
N GLY A 433 10.67 13.63 32.21
CA GLY A 433 9.25 13.83 32.01
C GLY A 433 8.56 12.54 31.62
N HIS A 434 7.24 12.53 31.79
CA HIS A 434 6.46 11.35 31.43
C HIS A 434 5.19 11.70 30.67
N ALA A 435 5.09 12.92 30.13
CA ALA A 435 3.89 13.34 29.45
C ALA A 435 3.90 13.08 27.95
N TYR A 436 5.05 12.75 27.37
CA TYR A 436 5.14 12.59 25.92
C TYR A 436 4.27 11.43 25.46
N ASN A 437 3.50 11.66 24.40
CA ASN A 437 2.70 10.63 23.75
C ASN A 437 3.12 10.58 22.28
N ALA A 438 3.62 9.43 21.85
CA ALA A 438 4.20 9.26 20.53
C ALA A 438 3.17 9.08 19.42
N VAL A 439 1.89 9.04 19.73
CA VAL A 439 0.87 8.84 18.71
C VAL A 439 -0.16 9.96 18.80
N SER A 440 -0.76 10.28 17.64
CA SER A 440 -1.68 11.41 17.58
C SER A 440 -2.97 11.10 18.34
N ASP A 441 -3.48 9.88 18.22
CA ASP A 441 -4.77 9.54 18.76
C ASP A 441 -4.65 8.31 19.66
N PRO A 442 -5.46 8.21 20.72
CA PRO A 442 -5.38 7.04 21.60
C PRO A 442 -5.61 5.72 20.90
N ALA A 443 -6.25 5.71 19.73
CA ALA A 443 -6.51 4.47 19.01
C ALA A 443 -5.23 3.79 18.53
N PHE A 444 -4.12 4.51 18.47
CA PHE A 444 -2.88 3.97 17.92
C PHE A 444 -1.96 3.44 19.02
N HIS B 20 -19.44 -28.06 -23.62
CA HIS B 20 -18.34 -27.29 -24.22
C HIS B 20 -17.83 -26.26 -23.24
N MET B 21 -16.63 -25.74 -23.52
CA MET B 21 -15.85 -24.97 -22.56
C MET B 21 -15.24 -23.76 -23.24
N LYS B 22 -15.05 -22.71 -22.46
CA LYS B 22 -14.59 -21.43 -22.96
C LYS B 22 -13.07 -21.34 -22.81
N PHE B 23 -12.48 -20.50 -23.65
CA PHE B 23 -11.04 -20.28 -23.62
C PHE B 23 -10.78 -18.79 -23.55
N GLY B 24 -9.97 -18.39 -22.59
CA GLY B 24 -9.64 -16.99 -22.37
C GLY B 24 -8.24 -16.84 -21.82
N VAL B 25 -7.89 -15.60 -21.52
CA VAL B 25 -6.58 -15.27 -20.99
C VAL B 25 -6.73 -14.28 -19.84
N ASN B 26 -5.90 -14.47 -18.81
CA ASN B 26 -5.77 -13.43 -17.79
C ASN B 26 -4.97 -12.28 -18.36
N TYR B 27 -5.54 -11.08 -18.31
CA TYR B 27 -5.00 -9.93 -19.03
C TYR B 27 -3.98 -9.22 -18.15
N THR B 28 -2.70 -9.37 -18.49
CA THR B 28 -1.63 -8.56 -17.92
C THR B 28 -1.28 -7.46 -18.90
N PRO B 29 -1.54 -6.20 -18.60
CA PRO B 29 -1.27 -5.12 -19.57
C PRO B 29 0.20 -5.07 -19.97
N SER B 30 0.44 -5.07 -21.27
CA SER B 30 1.80 -4.93 -21.79
C SER B 30 2.35 -3.54 -21.47
N GLY B 31 3.67 -3.47 -21.35
CA GLY B 31 4.37 -2.21 -21.16
C GLY B 31 4.52 -1.71 -19.73
N GLU B 32 3.43 -1.76 -18.94
CA GLU B 32 3.52 -1.26 -17.58
C GLU B 32 2.79 -2.18 -16.58
N TRP B 33 2.46 -3.41 -16.97
CA TRP B 33 1.84 -4.42 -16.09
C TRP B 33 0.54 -3.81 -15.52
N PHE B 34 0.19 -4.14 -14.28
CA PHE B 34 -0.97 -3.53 -13.66
C PHE B 34 -0.68 -2.13 -13.14
N TYR B 35 0.55 -1.66 -13.29
CA TYR B 35 0.86 -0.26 -13.02
C TYR B 35 0.27 0.68 -14.07
N THR B 36 -0.18 0.18 -15.22
CA THR B 36 -0.84 1.06 -16.20
C THR B 36 -2.11 1.67 -15.64
N TRP B 37 -2.71 1.07 -14.61
CA TRP B 37 -3.93 1.63 -14.04
C TRP B 37 -3.72 3.06 -13.55
N LEU B 38 -2.48 3.39 -13.18
CA LEU B 38 -2.17 4.76 -12.79
C LEU B 38 -2.43 5.73 -13.95
N ASN B 39 -2.10 5.33 -15.18
CA ASN B 39 -2.24 6.19 -16.34
C ASN B 39 -2.37 5.32 -17.58
N PRO B 40 -3.56 4.80 -17.87
CA PRO B 40 -3.69 3.78 -18.92
C PRO B 40 -3.43 4.35 -20.31
N LYS B 41 -2.59 3.65 -21.06
CA LYS B 41 -2.36 3.97 -22.48
C LYS B 41 -3.40 3.18 -23.26
N TRP B 42 -4.54 3.81 -23.52
CA TRP B 42 -5.70 3.07 -24.02
C TRP B 42 -5.45 2.50 -25.41
N GLU B 43 -4.59 3.14 -26.21
CA GLU B 43 -4.31 2.60 -27.54
C GLU B 43 -3.51 1.31 -27.45
N VAL B 44 -2.65 1.18 -26.44
CA VAL B 44 -1.91 -0.06 -26.24
C VAL B 44 -2.83 -1.14 -25.68
N ILE B 45 -3.66 -0.77 -24.71
CA ILE B 45 -4.64 -1.72 -24.16
C ILE B 45 -5.57 -2.21 -25.25
N ARG B 46 -5.99 -1.31 -26.16
CA ARG B 46 -6.82 -1.73 -27.28
C ARG B 46 -6.09 -2.72 -28.16
N ARG B 47 -4.79 -2.51 -28.40
CA ARG B 47 -4.00 -3.46 -29.16
C ARG B 47 -3.76 -4.74 -28.36
N ASP B 48 -3.64 -4.63 -27.04
CA ASP B 48 -3.46 -5.80 -26.20
C ASP B 48 -4.64 -6.75 -26.33
N LEU B 49 -5.86 -6.23 -26.14
CA LEU B 49 -7.05 -7.08 -26.21
C LEU B 49 -7.28 -7.59 -27.63
N ALA B 50 -6.81 -6.85 -28.64
CA ALA B 50 -6.92 -7.34 -30.01
C ALA B 50 -6.07 -8.59 -30.21
N GLN B 51 -4.90 -8.66 -29.56
CA GLN B 51 -4.05 -9.83 -29.68
C GLN B 51 -4.67 -11.05 -29.01
N ILE B 52 -5.29 -10.87 -27.84
CA ILE B 52 -5.90 -11.99 -27.13
C ILE B 52 -7.02 -12.59 -27.96
N ALA B 53 -7.88 -11.74 -28.52
CA ALA B 53 -8.97 -12.23 -29.36
C ALA B 53 -8.45 -12.99 -30.58
N GLU B 54 -7.30 -12.58 -31.12
CA GLU B 54 -6.77 -13.22 -32.31
C GLU B 54 -6.35 -14.67 -32.04
N LEU B 55 -6.06 -15.01 -30.79
CA LEU B 55 -5.67 -16.37 -30.43
C LEU B 55 -6.80 -17.36 -30.59
N GLY B 56 -8.05 -16.88 -30.60
CA GLY B 56 -9.21 -17.75 -30.48
C GLY B 56 -9.87 -17.65 -29.13
N ALA B 57 -9.35 -16.80 -28.24
CA ALA B 57 -9.96 -16.62 -26.94
C ALA B 57 -11.33 -15.95 -27.07
N ASP B 58 -12.25 -16.35 -26.19
CA ASP B 58 -13.58 -15.78 -26.14
C ASP B 58 -13.79 -14.86 -24.95
N HIS B 59 -12.87 -14.84 -23.99
CA HIS B 59 -13.02 -14.01 -22.81
C HIS B 59 -11.67 -13.59 -22.27
N VAL B 60 -11.68 -12.66 -21.32
CA VAL B 60 -10.50 -12.20 -20.61
C VAL B 60 -10.89 -11.93 -19.16
N ARG B 61 -9.91 -12.07 -18.27
CA ARG B 61 -10.07 -11.76 -16.86
C ARG B 61 -9.15 -10.59 -16.53
N ILE B 62 -9.73 -9.53 -15.96
CA ILE B 62 -9.00 -8.29 -15.74
C ILE B 62 -8.97 -8.00 -14.24
N PHE B 63 -7.99 -7.18 -13.85
CA PHE B 63 -7.64 -7.02 -12.44
C PHE B 63 -7.42 -5.55 -12.09
N PRO B 64 -8.45 -4.87 -11.60
CA PRO B 64 -8.24 -3.55 -11.02
C PRO B 64 -7.55 -3.64 -9.66
N LEU B 65 -6.90 -2.56 -9.28
CA LEU B 65 -6.12 -2.51 -8.04
C LEU B 65 -6.95 -1.86 -6.94
N TRP B 66 -7.06 -2.56 -5.81
CA TRP B 66 -7.86 -2.08 -4.69
C TRP B 66 -7.33 -0.76 -4.14
N THR B 67 -6.01 -0.56 -4.17
CA THR B 67 -5.44 0.68 -3.67
C THR B 67 -5.89 1.88 -4.49
N LEU B 68 -6.11 1.70 -5.79
CA LEU B 68 -6.59 2.79 -6.62
C LEU B 68 -8.12 2.90 -6.60
N LEU B 69 -8.81 1.76 -6.53
CA LEU B 69 -10.26 1.78 -6.53
C LEU B 69 -10.82 2.44 -5.28
N GLN B 70 -10.22 2.19 -4.13
CA GLN B 70 -10.77 2.58 -2.84
C GLN B 70 -9.65 3.15 -1.97
N PRO B 71 -9.13 4.32 -2.33
CA PRO B 71 -8.01 4.90 -1.55
C PRO B 71 -8.40 5.27 -0.13
N ASN B 72 -9.69 5.44 0.15
CA ASN B 72 -10.19 5.66 1.49
C ASN B 72 -11.36 4.71 1.72
N ARG B 73 -11.60 4.37 2.98
CA ARG B 73 -12.61 3.35 3.29
C ARG B 73 -13.99 3.76 2.80
N THR B 74 -14.31 5.04 2.89
CA THR B 74 -15.64 5.53 2.52
C THR B 74 -15.58 6.46 1.30
N TRP B 75 -14.67 6.19 0.37
CA TRP B 75 -14.66 6.92 -0.90
C TRP B 75 -14.07 6.03 -1.98
N ILE B 76 -14.91 5.67 -2.95
CA ILE B 76 -14.47 4.96 -4.13
C ILE B 76 -14.17 5.98 -5.22
N ASN B 77 -13.05 5.79 -5.91
CA ASN B 77 -12.55 6.75 -6.89
C ASN B 77 -13.30 6.63 -8.20
N PRO B 78 -14.08 7.64 -8.61
CA PRO B 78 -14.82 7.54 -9.87
C PRO B 78 -13.93 7.34 -11.08
N LYS B 79 -12.73 7.93 -11.07
CA LYS B 79 -11.81 7.73 -12.19
C LYS B 79 -11.41 6.27 -12.33
N ALA B 80 -11.16 5.59 -11.20
CA ALA B 80 -10.81 4.18 -11.25
C ALA B 80 -11.98 3.33 -11.72
N LEU B 81 -13.20 3.65 -11.29
CA LEU B 81 -14.37 2.94 -11.78
C LEU B 81 -14.55 3.14 -13.28
N ALA B 82 -14.31 4.35 -13.78
CA ALA B 82 -14.46 4.63 -15.19
C ALA B 82 -13.38 3.94 -16.03
N ASP B 83 -12.17 3.81 -15.48
CA ASP B 83 -11.11 3.11 -16.20
C ASP B 83 -11.41 1.62 -16.35
N VAL B 84 -12.02 1.02 -15.32
CA VAL B 84 -12.45 -0.36 -15.44
C VAL B 84 -13.53 -0.49 -16.51
N ARG B 85 -14.43 0.48 -16.58
CA ARG B 85 -15.48 0.46 -17.59
C ARG B 85 -14.90 0.57 -18.99
N ARG B 86 -13.91 1.44 -19.18
CA ARG B 86 -13.29 1.59 -20.50
C ARG B 86 -12.59 0.31 -20.93
N MET B 87 -11.95 -0.38 -19.98
CA MET B 87 -11.28 -1.63 -20.33
C MET B 87 -12.29 -2.71 -20.71
N VAL B 88 -13.42 -2.78 -20.00
CA VAL B 88 -14.49 -3.70 -20.41
C VAL B 88 -14.98 -3.34 -21.80
N GLU B 89 -15.12 -2.04 -22.08
CA GLU B 89 -15.58 -1.61 -23.41
C GLU B 89 -14.61 -2.02 -24.49
N LEU B 90 -13.30 -1.82 -24.26
CA LEU B 90 -12.32 -2.22 -25.27
C LEU B 90 -12.29 -3.73 -25.45
N GLY B 91 -12.49 -4.47 -24.36
CA GLY B 91 -12.59 -5.92 -24.49
C GLY B 91 -13.79 -6.34 -25.30
N GLY B 92 -14.92 -5.65 -25.11
CA GLY B 92 -16.11 -5.98 -25.89
C GLY B 92 -15.95 -5.61 -27.35
N GLU B 93 -15.36 -4.46 -27.63
CA GLU B 93 -15.09 -4.06 -29.01
C GLU B 93 -14.01 -4.94 -29.64
N ALA B 94 -13.27 -5.69 -28.84
CA ALA B 94 -12.38 -6.72 -29.35
C ALA B 94 -13.09 -8.06 -29.50
N GLY B 95 -14.36 -8.15 -29.13
CA GLY B 95 -15.11 -9.38 -29.22
C GLY B 95 -14.94 -10.33 -28.06
N LEU B 96 -14.42 -9.84 -26.94
CA LEU B 96 -14.12 -10.67 -25.77
C LEU B 96 -15.12 -10.38 -24.66
N ASP B 97 -15.63 -11.44 -24.04
CA ASP B 97 -16.32 -11.31 -22.76
C ASP B 97 -15.32 -10.93 -21.68
N VAL B 98 -15.73 -10.08 -20.75
CA VAL B 98 -14.82 -9.58 -19.72
C VAL B 98 -15.33 -10.06 -18.37
N TYR B 99 -14.46 -10.76 -17.64
CA TYR B 99 -14.69 -11.11 -16.24
C TYR B 99 -13.79 -10.24 -15.37
N VAL B 100 -14.36 -9.63 -14.35
CA VAL B 100 -13.66 -8.67 -13.51
C VAL B 100 -13.47 -9.26 -12.12
N ASP B 101 -12.25 -9.13 -11.59
CA ASP B 101 -11.95 -9.49 -10.22
C ASP B 101 -11.93 -8.22 -9.38
N VAL B 102 -12.74 -8.19 -8.32
CA VAL B 102 -13.05 -6.94 -7.63
C VAL B 102 -11.89 -6.49 -6.75
N ILE B 103 -11.34 -7.41 -5.95
CA ILE B 103 -10.46 -7.05 -4.85
C ILE B 103 -9.06 -7.62 -5.12
N GLN B 104 -8.14 -6.76 -5.55
CA GLN B 104 -6.72 -7.06 -5.58
C GLN B 104 -6.01 -5.97 -4.78
N GLY B 105 -5.53 -6.32 -3.59
CA GLY B 105 -5.53 -7.70 -3.16
C GLY B 105 -4.17 -8.31 -3.43
N HIS B 106 -4.14 -9.54 -3.92
CA HIS B 106 -2.89 -10.21 -4.23
C HIS B 106 -2.76 -10.43 -5.73
N LEU B 107 -1.57 -10.15 -6.27
CA LEU B 107 -1.27 -10.35 -7.69
C LEU B 107 0.21 -10.64 -7.84
N SER B 108 0.54 -11.87 -8.25
CA SER B 108 1.90 -12.26 -8.62
C SER B 108 2.91 -11.91 -7.52
N SER B 109 2.62 -12.39 -6.31
CA SER B 109 3.43 -12.28 -5.09
C SER B 109 3.35 -10.91 -4.43
N PHE B 110 2.61 -9.95 -4.98
CA PHE B 110 2.51 -8.62 -4.41
C PHE B 110 1.16 -8.40 -3.77
N ASP B 111 1.15 -7.61 -2.69
CA ASP B 111 -0.07 -7.22 -1.99
C ASP B 111 -0.38 -5.76 -2.25
N PHE B 112 -1.63 -5.46 -2.57
CA PHE B 112 -2.10 -4.09 -2.76
C PHE B 112 -3.26 -3.88 -1.77
N VAL B 113 -2.92 -3.40 -0.59
CA VAL B 113 -3.88 -3.16 0.49
C VAL B 113 -3.92 -1.68 0.75
N PRO B 114 -5.09 -1.04 0.76
CA PRO B 114 -5.18 0.41 0.97
C PRO B 114 -4.66 0.82 2.34
N SER B 115 -4.37 2.12 2.46
CA SER B 115 -3.73 2.65 3.67
C SER B 115 -4.64 2.53 4.89
N TRP B 116 -5.96 2.54 4.71
CA TRP B 116 -6.88 2.46 5.84
C TRP B 116 -7.02 1.05 6.40
N LEU B 117 -6.24 0.10 5.89
CA LEU B 117 -6.24 -1.28 6.37
C LEU B 117 -4.82 -1.74 6.70
N VAL B 118 -3.88 -0.81 6.86
CA VAL B 118 -2.46 -1.12 6.97
C VAL B 118 -1.87 -0.41 8.18
N SER B 119 -0.85 -1.03 8.78
CA SER B 119 -0.07 -0.49 9.88
C SER B 119 -0.92 0.16 10.97
N TRP B 120 -0.88 1.49 11.08
CA TRP B 120 -1.66 2.19 12.09
C TRP B 120 -3.16 1.93 11.97
N HIS B 121 -3.62 1.48 10.81
CA HIS B 121 -5.02 1.16 10.58
C HIS B 121 -5.19 -0.31 10.22
N GLU B 122 -4.28 -1.14 10.73
CA GLU B 122 -4.30 -2.57 10.48
C GLU B 122 -5.66 -3.17 10.82
N GLY B 123 -6.17 -4.01 9.93
CA GLY B 123 -7.45 -4.67 10.14
C GLY B 123 -7.55 -5.88 9.26
N SER B 124 -8.55 -6.71 9.57
CA SER B 124 -8.84 -7.91 8.81
C SER B 124 -10.02 -7.65 7.88
N MET B 125 -9.80 -7.83 6.58
CA MET B 125 -10.90 -7.69 5.63
C MET B 125 -12.00 -8.73 5.87
N PHE B 126 -11.72 -9.79 6.62
CA PHE B 126 -12.68 -10.85 6.82
C PHE B 126 -13.53 -10.69 8.07
N THR B 127 -13.03 -10.00 9.10
CA THR B 127 -13.76 -9.88 10.36
C THR B 127 -14.11 -8.46 10.75
N ASP B 128 -13.42 -7.45 10.23
CA ASP B 128 -13.72 -6.06 10.58
C ASP B 128 -14.97 -5.61 9.83
N GLN B 129 -16.02 -5.28 10.59
CA GLN B 129 -17.32 -5.03 10.00
C GLN B 129 -17.28 -3.85 9.04
N SER B 130 -16.53 -2.79 9.39
CA SER B 130 -16.43 -1.64 8.50
C SER B 130 -15.64 -1.97 7.24
N ALA B 131 -14.70 -2.91 7.32
CA ALA B 131 -13.99 -3.32 6.10
C ALA B 131 -14.87 -4.22 5.25
N ILE B 132 -15.81 -4.94 5.87
CA ILE B 132 -16.76 -5.73 5.11
C ILE B 132 -17.77 -4.83 4.40
N GLU B 133 -18.18 -3.74 5.07
CA GLU B 133 -19.04 -2.75 4.42
C GLU B 133 -18.32 -2.09 3.25
N ALA B 134 -17.04 -1.76 3.42
CA ALA B 134 -16.28 -1.12 2.35
C ALA B 134 -16.13 -2.06 1.16
N GLN B 135 -15.76 -3.32 1.41
CA GLN B 135 -15.73 -4.31 0.34
C GLN B 135 -17.12 -4.49 -0.27
N SER B 136 -18.16 -4.34 0.54
CA SER B 136 -19.52 -4.42 0.02
C SER B 136 -19.82 -3.26 -0.92
N ALA B 137 -19.39 -2.05 -0.56
CA ALA B 137 -19.62 -0.89 -1.42
C ALA B 137 -18.85 -1.01 -2.72
N LEU B 138 -17.62 -1.53 -2.67
CA LEU B 138 -16.82 -1.66 -3.89
C LEU B 138 -17.40 -2.72 -4.81
N THR B 139 -17.86 -3.84 -4.25
CA THR B 139 -18.45 -4.89 -5.07
C THR B 139 -19.68 -4.39 -5.82
N GLU B 140 -20.56 -3.66 -5.11
CA GLU B 140 -21.74 -3.10 -5.76
C GLU B 140 -21.35 -2.02 -6.76
N ALA B 141 -20.36 -1.19 -6.43
CA ALA B 141 -19.95 -0.12 -7.33
C ALA B 141 -19.39 -0.68 -8.64
N ILE B 142 -18.56 -1.72 -8.54
CA ILE B 142 -18.04 -2.36 -9.75
C ILE B 142 -19.18 -2.89 -10.61
N TYR B 143 -20.13 -3.60 -9.98
CA TYR B 143 -21.24 -4.14 -10.74
C TYR B 143 -22.14 -3.03 -11.29
N GLY B 144 -22.39 -1.99 -10.49
CA GLY B 144 -23.20 -0.89 -10.97
C GLY B 144 -22.57 -0.17 -12.14
N THR B 145 -21.26 0.04 -12.08
CA THR B 145 -20.56 0.74 -13.16
C THR B 145 -20.61 -0.04 -14.47
N LEU B 146 -20.60 -1.37 -14.41
CA LEU B 146 -20.50 -2.20 -15.61
C LEU B 146 -21.80 -2.90 -15.98
N SER B 147 -22.89 -2.71 -15.23
CA SER B 147 -24.10 -3.50 -15.46
C SER B 147 -24.71 -3.24 -16.83
N ASP B 148 -24.63 -2.00 -17.34
CA ASP B 148 -25.24 -1.67 -18.62
C ASP B 148 -24.45 -2.18 -19.82
N MET B 149 -23.22 -2.66 -19.61
CA MET B 149 -22.34 -3.06 -20.70
C MET B 149 -22.56 -4.52 -21.07
N LYS B 150 -22.63 -4.78 -22.38
CA LYS B 150 -22.96 -6.12 -22.86
C LYS B 150 -21.83 -7.12 -22.67
N ALA B 151 -20.57 -6.66 -22.72
CA ALA B 151 -19.45 -7.58 -22.61
C ALA B 151 -19.05 -7.88 -21.17
N PHE B 152 -19.69 -7.26 -20.19
CA PHE B 152 -19.46 -7.57 -18.79
C PHE B 152 -20.09 -8.92 -18.47
N ALA B 153 -19.25 -9.95 -18.32
CA ALA B 153 -19.75 -11.31 -18.20
C ALA B 153 -19.95 -11.77 -16.76
N GLY B 154 -19.19 -11.25 -15.82
CA GLY B 154 -19.35 -11.68 -14.45
C GLY B 154 -18.26 -11.13 -13.54
N LEU B 155 -18.42 -11.42 -12.25
CA LEU B 155 -17.54 -10.92 -11.22
C LEU B 155 -16.92 -12.07 -10.44
N THR B 156 -15.63 -11.91 -10.11
CA THR B 156 -14.97 -12.71 -9.08
C THR B 156 -14.56 -11.77 -7.96
N LEU B 157 -14.85 -12.17 -6.72
CA LEU B 157 -14.62 -11.29 -5.57
C LEU B 157 -13.17 -10.86 -5.44
N GLY B 158 -12.22 -11.64 -5.96
CA GLY B 158 -10.83 -11.26 -5.87
C GLY B 158 -9.88 -12.39 -6.14
N ASN B 159 -8.68 -12.06 -6.64
CA ASN B 159 -7.71 -13.09 -6.98
C ASN B 159 -7.09 -13.67 -5.71
N GLU B 160 -7.47 -14.91 -5.39
CA GLU B 160 -6.84 -15.71 -4.34
C GLU B 160 -6.84 -14.96 -2.99
N CYS B 161 -8.02 -14.48 -2.59
CA CYS B 161 -8.11 -13.69 -1.37
C CYS B 161 -7.71 -14.48 -0.12
N ASN B 162 -7.80 -15.80 -0.17
CA ASN B 162 -7.53 -16.61 1.02
C ASN B 162 -6.09 -16.49 1.47
N GLN B 163 -5.18 -16.13 0.58
CA GLN B 163 -3.77 -16.04 0.95
C GLN B 163 -3.53 -14.99 2.03
N PHE B 164 -4.45 -14.05 2.21
CA PHE B 164 -4.30 -13.04 3.25
C PHE B 164 -4.53 -13.61 4.64
N THR B 165 -5.35 -14.66 4.76
CA THR B 165 -5.67 -15.24 6.06
C THR B 165 -4.85 -16.48 6.38
N ASP B 166 -4.07 -16.98 5.42
CA ASP B 166 -3.27 -18.18 5.65
C ASP B 166 -2.23 -17.91 6.73
N ALA B 167 -1.88 -18.97 7.46
CA ALA B 167 -0.93 -18.86 8.56
C ALA B 167 0.46 -18.49 8.09
N THR B 168 0.78 -18.71 6.82
CA THR B 168 2.05 -18.32 6.24
C THR B 168 2.16 -16.83 5.91
N HIS B 169 1.05 -16.09 5.98
CA HIS B 169 1.09 -14.72 5.48
C HIS B 169 1.83 -13.81 6.48
N PRO B 170 2.78 -13.00 6.01
CA PRO B 170 3.57 -12.16 6.95
C PRO B 170 2.79 -11.04 7.58
N ARG B 171 1.60 -10.72 7.08
CA ARG B 171 0.72 -9.69 7.61
C ARG B 171 -0.70 -10.23 7.71
N ARG B 172 -0.79 -11.44 8.26
CA ARG B 172 -2.02 -12.21 8.23
C ARG B 172 -3.23 -11.42 8.74
N MET B 173 -4.30 -11.46 7.97
CA MET B 173 -5.58 -11.00 8.48
C MET B 173 -6.35 -12.22 8.96
N PRO B 174 -6.47 -12.43 10.27
CA PRO B 174 -7.00 -13.69 10.80
C PRO B 174 -8.50 -13.82 10.61
N ALA B 175 -8.96 -15.08 10.63
CA ALA B 175 -10.36 -15.44 10.50
C ALA B 175 -10.53 -16.94 10.69
N ASN B 176 -11.58 -17.36 11.38
CA ASN B 176 -11.88 -18.78 11.47
C ASN B 176 -12.73 -19.21 10.28
N ALA B 177 -12.96 -20.51 10.16
CA ALA B 177 -13.70 -21.02 9.00
C ALA B 177 -15.14 -20.51 9.00
N GLU B 178 -15.73 -20.31 10.17
CA GLU B 178 -17.09 -19.79 10.23
C GLU B 178 -17.13 -18.34 9.77
N GLN B 179 -16.15 -17.53 10.19
CA GLN B 179 -16.09 -16.13 9.76
C GLN B 179 -15.81 -16.01 8.26
N ILE B 180 -15.00 -16.92 7.72
CA ILE B 180 -14.73 -16.92 6.28
C ILE B 180 -16.01 -17.21 5.50
N GLY B 181 -16.85 -18.09 6.03
CA GLY B 181 -18.12 -18.36 5.39
C GLY B 181 -19.03 -17.14 5.36
N GLU B 182 -19.06 -16.38 6.46
CA GLU B 182 -19.85 -15.15 6.48
C GLU B 182 -19.31 -14.12 5.49
N TRP B 183 -17.98 -14.05 5.35
CA TRP B 183 -17.39 -13.13 4.39
C TRP B 183 -17.82 -13.47 2.97
N LEU B 184 -17.70 -14.75 2.59
CA LEU B 184 -18.18 -15.18 1.27
C LEU B 184 -19.67 -14.93 1.11
N ASP B 185 -20.47 -15.28 2.13
CA ASP B 185 -21.92 -15.12 2.03
C ASP B 185 -22.33 -13.65 1.94
N THR B 186 -21.61 -12.75 2.61
CA THR B 186 -22.00 -11.34 2.58
C THR B 186 -21.74 -10.72 1.22
N LEU B 187 -20.53 -10.90 0.68
CA LEU B 187 -20.18 -10.26 -0.59
C LEU B 187 -20.92 -10.89 -1.75
N ILE B 188 -20.98 -12.22 -1.81
CA ILE B 188 -21.65 -12.89 -2.92
C ILE B 188 -23.14 -12.54 -2.96
N GLY B 189 -23.79 -12.57 -1.80
CA GLY B 189 -25.22 -12.30 -1.74
C GLY B 189 -25.61 -10.89 -2.16
N LEU B 190 -24.63 -9.99 -2.21
CA LEU B 190 -24.89 -8.60 -2.58
C LEU B 190 -25.38 -8.49 -4.02
N VAL B 191 -24.76 -9.26 -4.94
CA VAL B 191 -25.00 -9.10 -6.37
C VAL B 191 -25.41 -10.44 -6.97
N ALA B 192 -25.69 -11.43 -6.12
CA ALA B 192 -26.00 -12.77 -6.63
C ALA B 192 -27.34 -12.79 -7.35
N LYS B 193 -28.35 -12.12 -6.79
CA LYS B 193 -29.68 -12.13 -7.40
C LYS B 193 -29.71 -11.25 -8.65
N ARG B 194 -28.98 -10.13 -8.61
CA ARG B 194 -28.78 -9.29 -9.79
C ARG B 194 -28.11 -10.07 -10.92
N CYS B 195 -27.09 -10.86 -10.57
CA CYS B 195 -26.36 -11.63 -11.58
C CYS B 195 -27.27 -12.63 -12.29
N ARG B 196 -28.18 -13.28 -11.56
CA ARG B 196 -29.00 -14.31 -12.18
C ARG B 196 -30.01 -13.70 -13.15
N ARG B 197 -30.69 -12.61 -12.75
CA ARG B 197 -31.62 -11.97 -13.69
C ARG B 197 -30.87 -11.27 -14.82
N ASP B 198 -29.70 -10.69 -14.54
CA ASP B 198 -28.96 -9.98 -15.58
C ASP B 198 -28.21 -10.93 -16.51
N GLY B 199 -28.06 -12.20 -16.15
CA GLY B 199 -27.35 -13.15 -16.97
C GLY B 199 -25.86 -13.19 -16.81
N ARG B 200 -25.35 -12.86 -15.63
CA ARG B 200 -23.92 -12.87 -15.34
C ARG B 200 -23.65 -13.82 -14.19
N LEU B 201 -22.36 -14.09 -13.93
CA LEU B 201 -21.98 -15.02 -12.88
C LEU B 201 -21.26 -14.27 -11.77
N ILE B 202 -21.46 -14.72 -10.55
CA ILE B 202 -20.74 -14.24 -9.38
C ILE B 202 -19.95 -15.42 -8.81
N ALA B 203 -18.68 -15.18 -8.49
CA ALA B 203 -17.81 -16.26 -8.04
C ALA B 203 -16.74 -15.71 -7.11
N HIS B 204 -16.01 -16.63 -6.48
CA HIS B 204 -14.91 -16.29 -5.61
C HIS B 204 -13.72 -17.19 -5.94
N SER B 205 -12.53 -16.74 -5.54
CA SER B 205 -11.29 -17.41 -5.94
C SER B 205 -10.40 -17.65 -4.74
N GLU B 206 -9.80 -18.84 -4.69
CA GLU B 206 -8.82 -19.19 -3.67
C GLU B 206 -7.68 -19.97 -4.31
N ASN B 207 -6.47 -19.76 -3.80
CA ASN B 207 -5.34 -20.54 -4.25
C ASN B 207 -5.46 -21.98 -3.71
N ASP B 208 -4.53 -22.84 -4.12
CA ASP B 208 -4.66 -24.27 -3.82
C ASP B 208 -4.60 -24.59 -2.33
N ALA B 209 -4.34 -23.61 -1.46
CA ALA B 209 -4.33 -23.88 -0.03
C ALA B 209 -5.70 -24.34 0.46
N ILE B 210 -6.76 -23.95 -0.23
CA ILE B 210 -8.10 -24.40 0.15
C ILE B 210 -8.24 -25.90 -0.04
N TRP B 211 -7.45 -26.49 -0.94
CA TRP B 211 -7.48 -27.92 -1.18
C TRP B 211 -6.36 -28.70 -0.50
N TYR B 212 -5.28 -28.03 -0.09
CA TYR B 212 -4.07 -28.74 0.31
C TYR B 212 -3.59 -28.46 1.71
N ALA B 213 -4.04 -27.38 2.37
CA ALA B 213 -3.49 -26.93 3.64
C ALA B 213 -4.45 -27.30 4.77
N ASP B 214 -4.00 -28.18 5.67
CA ASP B 214 -4.78 -28.49 6.86
C ASP B 214 -4.83 -27.30 7.79
N GLY B 215 -6.01 -27.06 8.37
CA GLY B 215 -6.24 -25.93 9.23
C GLY B 215 -6.56 -24.63 8.53
N HIS B 216 -6.53 -24.60 7.20
CA HIS B 216 -6.83 -23.38 6.47
C HIS B 216 -8.31 -23.02 6.65
N ALA B 217 -8.57 -21.73 6.94
CA ALA B 217 -9.93 -21.32 7.25
C ALA B 217 -10.86 -21.35 6.05
N PHE B 218 -10.33 -21.45 4.83
CA PHE B 218 -11.17 -21.62 3.65
C PHE B 218 -11.35 -23.11 3.41
N LEU B 219 -12.58 -23.56 3.50
CA LEU B 219 -12.82 -24.98 3.37
C LEU B 219 -13.10 -25.37 1.92
N PRO B 220 -12.71 -26.58 1.53
CA PRO B 220 -12.94 -27.01 0.13
C PRO B 220 -14.38 -26.85 -0.34
N ARG B 221 -15.36 -27.07 0.54
CA ARG B 221 -16.75 -26.94 0.12
C ARG B 221 -17.16 -25.48 -0.13
N TYR B 222 -16.37 -24.51 0.36
CA TYR B 222 -16.67 -23.12 0.03
C TYR B 222 -16.48 -22.86 -1.46
N ALA B 223 -15.39 -23.38 -2.03
CA ALA B 223 -15.12 -23.15 -3.46
C ALA B 223 -16.12 -23.87 -4.35
N SER B 224 -16.69 -24.97 -3.89
CA SER B 224 -17.54 -25.81 -4.73
C SER B 224 -19.03 -25.65 -4.43
N CYS B 225 -19.41 -24.77 -3.51
CA CYS B 225 -20.82 -24.60 -3.20
C CYS B 225 -21.24 -23.14 -3.24
N LYS B 226 -20.32 -22.24 -2.89
CA LYS B 226 -20.61 -20.81 -2.91
C LYS B 226 -20.14 -20.21 -4.22
N GLY B 227 -20.92 -19.27 -4.74
CA GLY B 227 -20.71 -18.75 -6.07
C GLY B 227 -21.35 -19.64 -7.12
N ASP B 228 -21.37 -19.14 -8.35
CA ASP B 228 -22.06 -19.85 -9.42
C ASP B 228 -21.23 -20.98 -10.00
N VAL B 229 -19.90 -20.86 -10.00
CA VAL B 229 -19.01 -21.87 -10.55
C VAL B 229 -17.80 -22.00 -9.63
N THR B 230 -17.17 -23.17 -9.68
CA THR B 230 -15.96 -23.44 -8.91
C THR B 230 -14.73 -22.97 -9.69
N THR B 231 -13.94 -22.10 -9.07
CA THR B 231 -12.68 -21.65 -9.64
C THR B 231 -11.52 -22.43 -9.02
N VAL B 232 -10.53 -22.75 -9.85
CA VAL B 232 -9.32 -23.46 -9.42
C VAL B 232 -8.14 -22.88 -10.18
N HIS B 233 -7.02 -22.70 -9.49
CA HIS B 233 -5.78 -22.19 -10.05
C HIS B 233 -4.72 -23.29 -9.97
N SER B 234 -4.30 -23.79 -11.14
CA SER B 234 -3.40 -24.94 -11.21
C SER B 234 -1.98 -24.45 -11.49
N TRP B 235 -1.12 -24.54 -10.48
CA TRP B 235 0.29 -24.19 -10.61
C TRP B 235 1.12 -25.34 -10.07
N VAL B 236 2.00 -25.88 -10.91
CA VAL B 236 2.74 -27.08 -10.55
C VAL B 236 4.08 -26.74 -9.91
N PHE B 237 4.23 -25.51 -9.43
CA PHE B 237 5.32 -25.20 -8.52
C PHE B 237 4.91 -25.39 -7.06
N ASN B 238 3.66 -25.77 -6.82
CA ASN B 238 3.16 -26.02 -5.47
C ASN B 238 3.77 -27.27 -4.83
N GLY B 239 4.72 -27.92 -5.49
CA GLY B 239 5.29 -29.16 -5.01
C GLY B 239 5.14 -30.31 -5.98
N THR B 240 4.17 -30.25 -6.89
CA THR B 240 3.91 -31.36 -7.80
C THR B 240 5.05 -31.54 -8.80
N GLY B 241 5.56 -30.43 -9.35
CA GLY B 241 6.61 -30.53 -10.34
C GLY B 241 7.97 -30.89 -9.74
N GLN B 242 8.22 -30.45 -8.50
CA GLN B 242 9.46 -30.76 -7.81
C GLN B 242 9.47 -32.19 -7.29
N HIS B 243 8.32 -32.67 -6.82
CA HIS B 243 8.25 -34.02 -6.27
C HIS B 243 8.18 -35.08 -7.36
N TYR B 244 7.22 -34.94 -8.28
CA TYR B 244 6.99 -35.98 -9.29
C TYR B 244 7.68 -35.72 -10.61
N GLY B 245 8.02 -34.46 -10.92
CA GLY B 245 8.63 -34.12 -12.17
C GLY B 245 7.77 -33.16 -12.98
N PRO B 246 8.42 -32.18 -13.62
CA PRO B 246 7.66 -31.18 -14.41
C PRO B 246 6.73 -31.78 -15.44
N MET B 247 7.14 -32.85 -16.13
CA MET B 247 6.32 -33.46 -17.16
C MET B 247 5.87 -34.86 -16.78
N SER B 248 5.59 -35.07 -15.49
CA SER B 248 4.95 -36.28 -15.00
C SER B 248 3.44 -36.20 -15.22
N CYS B 249 2.79 -37.35 -15.08
CA CYS B 249 1.32 -37.37 -15.10
C CYS B 249 0.74 -36.67 -13.88
N GLU B 250 1.50 -36.64 -12.76
CA GLU B 250 1.05 -35.86 -11.61
C GLU B 250 1.04 -34.37 -11.92
N SER B 251 2.03 -33.90 -12.67
CA SER B 251 2.11 -32.48 -13.01
C SER B 251 1.16 -32.12 -14.16
N LEU B 252 1.21 -32.89 -15.25
CA LEU B 252 0.40 -32.59 -16.41
C LEU B 252 -1.10 -32.72 -16.12
N GLY B 253 -1.48 -33.62 -15.23
CA GLY B 253 -2.87 -33.78 -14.88
C GLY B 253 -3.31 -33.03 -13.65
N HIS B 254 -2.46 -32.15 -13.11
CA HIS B 254 -2.80 -31.44 -11.88
C HIS B 254 -4.05 -30.59 -12.05
N ALA B 255 -4.16 -29.89 -13.18
CA ALA B 255 -5.35 -29.06 -13.42
C ALA B 255 -6.61 -29.92 -13.53
N ALA B 256 -6.52 -31.02 -14.29
CA ALA B 256 -7.66 -31.94 -14.35
C ALA B 256 -7.95 -32.53 -12.97
N TRP B 257 -6.90 -32.84 -12.21
CA TRP B 257 -7.08 -33.35 -10.86
C TRP B 257 -7.76 -32.32 -9.97
N LEU B 258 -7.39 -31.04 -10.12
CA LEU B 258 -8.03 -29.98 -9.35
C LEU B 258 -9.50 -29.85 -9.72
N VAL B 259 -9.82 -30.04 -11.01
CA VAL B 259 -11.22 -30.05 -11.44
C VAL B 259 -11.96 -31.20 -10.78
N GLU B 260 -11.43 -32.43 -10.92
CA GLU B 260 -12.12 -33.60 -10.43
C GLU B 260 -12.19 -33.62 -8.90
N LEU B 261 -11.18 -33.09 -8.23
CA LEU B 261 -11.21 -33.05 -6.76
C LEU B 261 -12.33 -32.15 -6.27
N SER B 262 -12.49 -30.97 -6.89
CA SER B 262 -13.47 -29.99 -6.41
C SER B 262 -14.90 -30.50 -6.50
N LYS B 263 -15.18 -31.37 -7.48
CA LYS B 263 -16.56 -31.84 -7.68
C LYS B 263 -17.06 -32.63 -6.48
N ALA B 264 -16.17 -33.33 -5.77
CA ALA B 264 -16.59 -34.14 -4.63
C ALA B 264 -17.26 -33.30 -3.56
N PHE B 265 -16.84 -32.04 -3.40
CA PHE B 265 -17.35 -31.16 -2.37
C PHE B 265 -18.47 -30.26 -2.88
N ALA B 266 -18.97 -30.50 -4.09
CA ALA B 266 -20.08 -29.74 -4.65
C ALA B 266 -21.39 -30.46 -4.41
N ALA B 267 -22.43 -29.70 -4.09
CA ALA B 267 -23.76 -30.27 -3.94
C ALA B 267 -24.43 -30.48 -5.29
N ASP B 268 -24.26 -29.55 -6.21
CA ASP B 268 -24.79 -29.69 -7.55
C ASP B 268 -23.94 -30.72 -8.30
N PRO B 269 -24.51 -31.84 -8.74
CA PRO B 269 -23.68 -32.87 -9.38
C PRO B 269 -23.13 -32.47 -10.74
N HIS B 270 -23.63 -31.39 -11.34
CA HIS B 270 -23.13 -30.95 -12.64
C HIS B 270 -22.69 -29.49 -12.61
N ARG B 271 -22.31 -28.99 -11.44
CA ARG B 271 -21.82 -27.63 -11.33
C ARG B 271 -20.55 -27.45 -12.17
N PRO B 272 -20.47 -26.39 -12.98
CA PRO B 272 -19.27 -26.18 -13.80
C PRO B 272 -18.06 -25.83 -12.95
N VAL B 273 -16.89 -26.21 -13.46
CA VAL B 273 -15.60 -25.92 -12.83
C VAL B 273 -14.79 -25.08 -13.80
N TRP B 274 -14.29 -23.94 -13.32
CA TRP B 274 -13.56 -22.97 -14.13
C TRP B 274 -12.11 -22.98 -13.68
N VAL B 275 -11.22 -23.52 -14.52
CA VAL B 275 -9.79 -23.41 -14.23
C VAL B 275 -9.41 -21.97 -14.54
N GLN B 276 -9.57 -21.11 -13.55
CA GLN B 276 -9.50 -19.67 -13.76
C GLN B 276 -8.09 -19.18 -14.06
N ALA B 277 -7.07 -19.95 -13.69
CA ALA B 277 -5.68 -19.57 -13.94
C ALA B 277 -4.84 -20.83 -14.05
N ILE B 278 -3.98 -20.87 -15.06
CA ILE B 278 -3.05 -21.98 -15.24
C ILE B 278 -1.90 -21.50 -16.10
N GLY B 279 -0.67 -21.82 -15.69
CA GLY B 279 0.51 -21.46 -16.45
C GLY B 279 1.56 -22.55 -16.38
N ALA B 280 2.62 -22.36 -17.16
CA ALA B 280 3.77 -23.25 -17.17
C ALA B 280 4.91 -22.53 -16.45
N PRO B 281 5.00 -22.62 -15.13
CA PRO B 281 5.98 -21.80 -14.40
C PRO B 281 7.41 -22.27 -14.67
N GLY B 282 8.28 -21.31 -15.00
CA GLY B 282 9.64 -21.62 -15.40
C GLY B 282 10.52 -22.14 -14.28
N ASN B 283 10.12 -21.95 -13.03
CA ASN B 283 10.96 -22.43 -11.93
C ASN B 283 10.88 -23.94 -11.77
N VAL B 284 9.87 -24.59 -12.32
CA VAL B 284 9.78 -26.06 -12.27
C VAL B 284 9.74 -26.69 -13.65
N ILE B 285 9.24 -25.96 -14.66
CA ILE B 285 9.17 -26.46 -16.02
C ILE B 285 10.20 -25.74 -16.87
N ASP B 286 10.88 -26.49 -17.74
CA ASP B 286 11.86 -25.89 -18.63
C ASP B 286 11.13 -25.27 -19.82
N SER B 287 11.69 -24.17 -20.33
CA SER B 287 11.05 -23.43 -21.41
C SER B 287 10.80 -24.31 -22.62
N ALA B 288 11.74 -25.21 -22.92
CA ALA B 288 11.59 -26.11 -24.05
C ALA B 288 10.34 -26.97 -23.93
N ASP B 289 9.90 -27.24 -22.70
CA ASP B 289 8.77 -28.14 -22.46
C ASP B 289 7.45 -27.41 -22.25
N ALA B 290 7.48 -26.12 -21.93
CA ALA B 290 6.26 -25.38 -21.63
C ALA B 290 5.15 -25.48 -22.67
N PRO B 291 5.44 -25.46 -23.99
CA PRO B 291 4.33 -25.68 -24.95
C PRO B 291 3.66 -27.02 -24.81
N GLU B 292 4.43 -28.11 -24.64
CA GLU B 292 3.82 -29.42 -24.45
C GLU B 292 3.02 -29.46 -23.16
N PHE B 293 3.55 -28.84 -22.10
CA PHE B 293 2.82 -28.73 -20.85
C PHE B 293 1.48 -28.05 -21.06
N CYS B 294 1.45 -27.01 -21.90
CA CYS B 294 0.19 -26.34 -22.22
C CYS B 294 -0.76 -27.29 -22.93
N ARG B 295 -0.28 -27.95 -23.98
CA ARG B 295 -1.13 -28.84 -24.76
C ARG B 295 -1.63 -30.01 -23.93
N ARG B 296 -0.74 -30.71 -23.23
CA ARG B 296 -1.19 -31.92 -22.55
C ARG B 296 -2.04 -31.62 -21.31
N SER B 297 -1.78 -30.50 -20.63
CA SER B 297 -2.63 -30.13 -19.51
C SER B 297 -4.04 -29.78 -19.96
N ILE B 298 -4.18 -29.09 -21.09
CA ILE B 298 -5.51 -28.74 -21.58
C ILE B 298 -6.22 -29.98 -22.11
N ASP B 299 -5.46 -30.90 -22.71
CA ASP B 299 -6.02 -32.22 -23.06
C ASP B 299 -6.58 -32.92 -21.84
N ALA B 300 -5.89 -32.83 -20.71
CA ALA B 300 -6.38 -33.44 -19.47
C ALA B 300 -7.66 -32.76 -18.99
N ILE B 301 -7.71 -31.42 -19.08
CA ILE B 301 -8.91 -30.71 -18.66
C ILE B 301 -10.07 -31.00 -19.60
N ALA B 302 -9.81 -31.04 -20.90
CA ALA B 302 -10.88 -31.26 -21.88
C ALA B 302 -11.56 -32.60 -21.70
N ASP B 303 -10.90 -33.56 -21.03
CA ASP B 303 -11.49 -34.87 -20.79
C ASP B 303 -12.35 -34.92 -19.54
N CYS B 304 -12.37 -33.85 -18.73
CA CYS B 304 -13.23 -33.83 -17.55
C CYS B 304 -14.57 -33.18 -17.89
N PRO B 305 -15.68 -33.78 -17.46
CA PRO B 305 -17.00 -33.18 -17.73
C PRO B 305 -17.20 -31.86 -17.00
N ASP B 306 -18.07 -31.03 -17.57
CA ASP B 306 -18.57 -29.80 -16.92
C ASP B 306 -17.45 -28.81 -16.62
N VAL B 307 -16.50 -28.68 -17.53
CA VAL B 307 -15.46 -27.66 -17.39
C VAL B 307 -16.04 -26.36 -17.95
N PHE B 308 -16.20 -25.36 -17.08
CA PHE B 308 -16.74 -24.07 -17.50
C PHE B 308 -15.83 -23.43 -18.55
N GLY B 309 -14.53 -23.43 -18.30
CA GLY B 309 -13.60 -22.84 -19.24
C GLY B 309 -12.18 -23.01 -18.75
N VAL B 310 -11.25 -22.57 -19.60
CA VAL B 310 -9.83 -22.63 -19.33
C VAL B 310 -9.25 -21.25 -19.60
N THR B 311 -8.77 -20.58 -18.56
CA THR B 311 -8.27 -19.22 -18.65
C THR B 311 -6.78 -19.24 -18.32
N TRP B 312 -5.94 -19.03 -19.34
CA TRP B 312 -4.50 -19.16 -19.19
C TRP B 312 -3.90 -17.93 -18.51
N TRP B 313 -2.73 -18.14 -17.90
CA TRP B 313 -1.91 -17.08 -17.32
C TRP B 313 -0.55 -17.09 -18.01
N CYS B 314 -0.20 -15.98 -18.68
CA CYS B 314 -1.07 -14.82 -18.85
C CYS B 314 -0.95 -14.27 -20.26
N SER B 315 -1.47 -13.06 -20.49
CA SER B 315 -1.49 -12.50 -21.84
C SER B 315 -0.11 -12.00 -22.27
N HIS B 316 0.40 -10.99 -21.58
CA HIS B 316 1.63 -10.32 -21.98
C HIS B 316 2.65 -10.38 -20.87
N ARG B 317 3.89 -10.73 -21.22
CA ARG B 317 4.96 -10.88 -20.25
C ARG B 317 5.22 -9.55 -19.53
N ILE B 318 5.67 -9.66 -18.29
CA ILE B 318 6.05 -8.44 -17.56
C ILE B 318 7.31 -7.87 -18.18
N PRO B 319 7.40 -6.56 -18.39
CA PRO B 319 8.61 -5.99 -18.99
C PRO B 319 9.84 -6.30 -18.15
N SER B 320 10.97 -6.49 -18.85
CA SER B 320 12.21 -6.87 -18.20
C SER B 320 12.66 -5.86 -17.14
N ALA B 321 12.20 -4.62 -17.25
CA ALA B 321 12.68 -3.57 -16.35
C ALA B 321 12.09 -3.67 -14.95
N PHE B 322 10.99 -4.39 -14.76
CA PHE B 322 10.38 -4.47 -13.44
C PHE B 322 11.09 -5.52 -12.59
N SER B 323 11.22 -5.23 -11.30
CA SER B 323 12.04 -6.03 -10.39
C SER B 323 11.22 -6.51 -9.20
N ASP B 324 11.83 -7.45 -8.47
CA ASP B 324 11.34 -8.13 -7.27
C ASP B 324 10.25 -9.15 -7.59
N PHE B 325 9.92 -9.36 -8.87
CA PHE B 325 9.11 -10.51 -9.22
C PHE B 325 9.97 -11.77 -9.12
N PRO B 326 9.37 -12.90 -8.73
CA PRO B 326 10.08 -14.18 -8.92
C PRO B 326 10.43 -14.33 -10.40
N PHE B 327 11.69 -14.70 -10.65
CA PHE B 327 12.24 -14.63 -12.01
C PHE B 327 11.33 -15.34 -13.01
N PHE B 328 10.78 -16.49 -12.62
CA PHE B 328 9.94 -17.26 -13.54
C PHE B 328 8.70 -16.49 -14.00
N GLU B 329 8.29 -15.45 -13.27
CA GLU B 329 7.09 -14.72 -13.64
C GLU B 329 7.25 -13.95 -14.95
N HIS B 330 8.48 -13.55 -15.29
CA HIS B 330 8.67 -12.69 -16.45
C HIS B 330 8.38 -13.41 -17.76
N GLN B 331 8.47 -14.74 -17.78
CA GLN B 331 8.29 -15.51 -19.00
C GLN B 331 6.93 -16.19 -19.10
N LEU B 332 6.02 -15.91 -18.16
CA LEU B 332 4.72 -16.58 -18.14
C LEU B 332 3.78 -16.10 -19.24
N GLY B 333 4.03 -14.94 -19.84
CA GLY B 333 3.08 -14.37 -20.77
C GLY B 333 3.00 -15.12 -22.09
N LEU B 334 1.81 -15.07 -22.71
CA LEU B 334 1.63 -15.65 -24.04
C LEU B 334 2.22 -14.79 -25.14
N PHE B 335 2.40 -13.49 -24.90
CA PHE B 335 3.01 -12.58 -25.85
C PHE B 335 4.28 -11.99 -25.25
N ASP B 336 5.32 -11.88 -26.07
CA ASP B 336 6.59 -11.36 -25.59
C ASP B 336 6.48 -9.86 -25.37
N VAL B 337 7.58 -9.26 -24.87
CA VAL B 337 7.57 -7.85 -24.56
C VAL B 337 7.40 -7.00 -25.83
N ASP B 338 7.83 -7.51 -26.98
CA ASP B 338 7.67 -6.81 -28.25
C ASP B 338 6.38 -7.19 -28.97
N GLY B 339 5.43 -7.80 -28.26
CA GLY B 339 4.14 -8.12 -28.86
C GLY B 339 4.11 -9.39 -29.68
N THR B 340 5.23 -10.07 -29.86
CA THR B 340 5.26 -11.29 -30.66
C THR B 340 4.78 -12.48 -29.85
N LEU B 341 4.26 -13.48 -30.55
CA LEU B 341 3.68 -14.66 -29.92
C LEU B 341 4.77 -15.63 -29.47
N THR B 342 4.64 -16.15 -28.26
CA THR B 342 5.57 -17.11 -27.69
C THR B 342 5.22 -18.53 -28.14
N ASP B 343 6.17 -19.46 -27.94
CA ASP B 343 5.89 -20.86 -28.22
C ASP B 343 4.70 -21.37 -27.41
N VAL B 344 4.57 -20.92 -26.16
CA VAL B 344 3.39 -21.30 -25.40
C VAL B 344 2.16 -20.61 -25.95
N GLY B 345 2.31 -19.38 -26.45
CA GLY B 345 1.19 -18.69 -27.08
C GLY B 345 0.68 -19.42 -28.31
N LYS B 346 1.56 -20.10 -29.04
CA LYS B 346 1.11 -20.93 -30.15
C LYS B 346 0.51 -22.24 -29.67
N ALA B 347 0.97 -22.75 -28.52
CA ALA B 347 0.38 -23.96 -27.98
C ALA B 347 -1.04 -23.71 -27.46
N PHE B 348 -1.25 -22.57 -26.80
CA PHE B 348 -2.59 -22.24 -26.32
C PHE B 348 -3.55 -21.97 -27.48
N ARG B 349 -3.08 -21.27 -28.51
CA ARG B 349 -3.89 -21.05 -29.69
C ARG B 349 -4.26 -22.36 -30.37
N ASP B 350 -3.30 -23.30 -30.45
CA ASP B 350 -3.58 -24.59 -31.05
C ASP B 350 -4.55 -25.40 -30.21
N ALA B 351 -4.54 -25.20 -28.89
CA ALA B 351 -5.45 -25.94 -28.03
C ALA B 351 -6.89 -25.45 -28.13
N ILE B 352 -7.07 -24.13 -28.31
CA ILE B 352 -8.41 -23.59 -28.51
C ILE B 352 -9.07 -24.25 -29.72
N ALA B 353 -8.34 -24.36 -30.82
CA ALA B 353 -8.87 -25.03 -32.00
C ALA B 353 -9.12 -26.51 -31.75
N THR B 354 -8.18 -27.18 -31.08
CA THR B 354 -8.26 -28.62 -30.88
C THR B 354 -9.46 -29.03 -30.02
N HIS B 355 -9.89 -28.17 -29.10
CA HIS B 355 -10.89 -28.57 -28.11
C HIS B 355 -12.11 -27.66 -28.12
N ARG B 356 -12.31 -26.87 -29.18
CA ARG B 356 -13.47 -25.99 -29.26
C ARG B 356 -14.77 -26.81 -29.33
N ASP B 357 -14.70 -28.05 -29.81
CA ASP B 357 -15.86 -28.89 -29.98
C ASP B 357 -15.86 -30.18 -29.16
N THR B 358 -14.75 -30.52 -28.51
CA THR B 358 -14.67 -31.79 -27.79
C THR B 358 -15.50 -31.75 -26.50
N VAL B 359 -16.33 -32.77 -26.31
CA VAL B 359 -17.12 -32.94 -25.09
C VAL B 359 -16.57 -34.16 -24.36
N ALA B 360 -16.69 -34.14 -23.02
CA ALA B 360 -16.05 -35.18 -22.22
C ALA B 360 -17.06 -36.22 -21.76
N PRO B 361 -16.77 -37.51 -21.95
CA PRO B 361 -17.67 -38.56 -21.46
C PRO B 361 -17.71 -38.57 -19.95
N PRO B 362 -18.76 -39.15 -19.35
CA PRO B 362 -18.83 -39.21 -17.90
C PRO B 362 -17.70 -40.05 -17.31
N ARG B 363 -17.30 -39.67 -16.10
CA ARG B 363 -16.26 -40.38 -15.38
C ARG B 363 -16.93 -41.30 -14.36
N THR B 364 -16.68 -42.59 -14.49
CA THR B 364 -17.46 -43.62 -13.79
C THR B 364 -16.78 -44.14 -12.52
N THR B 365 -15.45 -44.18 -12.50
CA THR B 365 -14.72 -44.71 -11.36
C THR B 365 -14.34 -43.55 -10.46
N ALA B 366 -14.79 -43.59 -9.21
CA ALA B 366 -14.62 -42.49 -8.29
C ALA B 366 -13.69 -42.88 -7.15
N ILE B 367 -12.93 -41.90 -6.66
CA ILE B 367 -12.08 -42.06 -5.50
C ILE B 367 -12.78 -41.44 -4.30
N VAL B 368 -12.92 -42.22 -3.24
CA VAL B 368 -13.60 -41.75 -2.03
C VAL B 368 -12.66 -40.88 -1.24
N ILE B 369 -13.17 -39.75 -0.75
CA ILE B 369 -12.43 -38.84 0.10
C ILE B 369 -12.99 -38.98 1.51
N PRO B 370 -12.24 -39.52 2.47
CA PRO B 370 -12.75 -39.61 3.85
C PRO B 370 -13.05 -38.21 4.39
N VAL B 371 -14.26 -38.04 4.91
CA VAL B 371 -14.77 -36.72 5.22
C VAL B 371 -15.46 -36.73 6.58
N ASP B 372 -15.44 -35.59 7.27
CA ASP B 372 -16.16 -35.48 8.53
C ASP B 372 -17.67 -35.55 8.27
N GLU B 373 -18.44 -35.38 9.34
CA GLU B 373 -19.88 -35.37 9.17
C GLU B 373 -20.40 -34.10 8.50
N GLN B 374 -19.54 -33.09 8.29
CA GLN B 374 -19.98 -31.80 7.76
C GLN B 374 -19.32 -31.45 6.43
N GLY B 375 -18.82 -32.45 5.70
CA GLY B 375 -18.40 -32.30 4.32
C GLY B 375 -16.94 -31.96 4.10
N ASP B 376 -16.13 -31.87 5.13
CA ASP B 376 -14.74 -31.48 4.99
C ASP B 376 -13.83 -32.69 5.17
N PRO B 377 -12.64 -32.69 4.57
CA PRO B 377 -11.80 -33.88 4.62
C PRO B 377 -11.29 -34.13 6.04
N LEU B 378 -11.11 -35.41 6.37
CA LEU B 378 -10.47 -35.76 7.62
C LEU B 378 -9.02 -35.29 7.65
N MET B 379 -8.31 -35.47 6.52
CA MET B 379 -6.92 -35.05 6.40
C MET B 379 -6.77 -34.39 5.03
N ARG B 380 -6.69 -33.06 5.02
CA ARG B 380 -6.56 -32.35 3.76
C ARG B 380 -5.19 -32.60 3.11
N ALA B 381 -4.16 -32.82 3.92
CA ALA B 381 -2.82 -33.14 3.40
C ALA B 381 -2.77 -34.48 2.69
N ALA B 382 -3.83 -35.27 2.70
CA ALA B 382 -3.84 -36.54 1.98
C ALA B 382 -4.25 -36.40 0.52
N GLN B 383 -5.01 -35.37 0.17
CA GLN B 383 -5.24 -35.00 -1.22
C GLN B 383 -4.19 -34.04 -1.75
N ALA B 384 -3.26 -33.61 -0.90
CA ALA B 384 -2.19 -32.71 -1.29
C ALA B 384 -1.09 -33.47 -2.02
N PRO B 385 -0.21 -32.78 -2.74
CA PRO B 385 0.92 -33.46 -3.38
C PRO B 385 1.71 -34.29 -2.39
N GLY B 386 1.99 -35.53 -2.77
CA GLY B 386 2.61 -36.49 -1.88
C GLY B 386 1.65 -37.33 -1.07
N GLY B 387 0.36 -36.97 -1.06
CA GLY B 387 -0.62 -37.70 -0.28
C GLY B 387 -1.23 -38.87 -1.01
N SER B 388 -1.90 -39.73 -0.24
CA SER B 388 -2.42 -40.99 -0.79
C SER B 388 -3.57 -40.73 -1.76
N LEU B 389 -4.53 -39.87 -1.40
CA LEU B 389 -5.61 -39.56 -2.31
C LEU B 389 -5.09 -38.90 -3.59
N PHE B 390 -4.15 -37.98 -3.44
CA PHE B 390 -3.52 -37.34 -4.60
C PHE B 390 -2.94 -38.38 -5.56
N GLU B 391 -2.14 -39.31 -5.04
CA GLU B 391 -1.49 -40.28 -5.93
C GLU B 391 -2.48 -41.33 -6.43
N ALA B 392 -3.47 -41.69 -5.61
CA ALA B 392 -4.45 -42.68 -6.04
C ALA B 392 -5.17 -42.21 -7.30
N TRP B 393 -5.45 -40.91 -7.40
CA TRP B 393 -6.08 -40.37 -8.59
C TRP B 393 -5.09 -40.29 -9.74
N ALA B 394 -3.89 -39.75 -9.47
CA ALA B 394 -2.86 -39.68 -10.50
C ALA B 394 -2.53 -41.06 -11.04
N ASN B 395 -2.45 -42.06 -10.16
CA ASN B 395 -2.19 -43.42 -10.62
C ASN B 395 -3.39 -43.98 -11.40
N LEU B 396 -4.60 -43.70 -10.93
CA LEU B 396 -5.79 -44.14 -11.67
C LEU B 396 -5.85 -43.47 -13.04
N ASN B 397 -5.58 -42.17 -13.10
CA ASN B 397 -5.62 -41.48 -14.38
C ASN B 397 -4.51 -41.96 -15.30
N ARG B 398 -3.33 -42.20 -14.74
CA ARG B 398 -2.21 -42.71 -15.54
C ARG B 398 -2.55 -44.04 -16.19
N GLN B 399 -3.28 -44.91 -15.49
CA GLN B 399 -3.65 -46.20 -16.08
C GLN B 399 -4.80 -46.09 -17.08
N GLY B 400 -5.21 -44.88 -17.45
CA GLY B 400 -6.27 -44.72 -18.42
C GLY B 400 -7.66 -45.02 -17.89
N GLU B 401 -7.92 -44.76 -16.62
CA GLU B 401 -9.19 -45.08 -16.00
C GLU B 401 -10.13 -43.89 -15.88
N ARG B 402 -9.70 -42.70 -16.29
CA ARG B 402 -10.50 -41.47 -16.28
C ARG B 402 -11.26 -41.30 -14.94
N PRO B 403 -10.55 -41.23 -13.83
CA PRO B 403 -11.24 -41.27 -12.54
C PRO B 403 -11.84 -39.92 -12.15
N CYS B 404 -12.93 -39.99 -11.39
CA CYS B 404 -13.51 -38.83 -10.72
C CYS B 404 -13.25 -38.97 -9.22
N VAL B 405 -13.83 -38.06 -8.44
CA VAL B 405 -13.58 -37.99 -7.00
C VAL B 405 -14.90 -37.78 -6.28
N ILE B 406 -15.09 -38.53 -5.19
CA ILE B 406 -16.30 -38.47 -4.38
C ILE B 406 -15.89 -38.45 -2.92
N THR B 407 -16.82 -38.00 -2.06
CA THR B 407 -16.62 -38.02 -0.62
C THR B 407 -17.23 -39.28 -0.01
N SER B 408 -16.86 -39.54 1.25
CA SER B 408 -17.41 -40.70 1.96
C SER B 408 -18.91 -40.56 2.19
N LEU B 409 -19.39 -39.33 2.40
CA LEU B 409 -20.81 -39.11 2.61
C LEU B 409 -21.61 -39.42 1.35
N ASP B 410 -21.14 -38.93 0.20
CA ASP B 410 -21.84 -39.20 -1.05
C ASP B 410 -21.80 -40.68 -1.40
N ALA B 411 -20.78 -41.40 -0.93
CA ALA B 411 -20.68 -42.84 -1.17
C ALA B 411 -21.76 -43.61 -0.43
N GLY B 412 -22.38 -43.02 0.59
CA GLY B 412 -23.44 -43.68 1.31
C GLY B 412 -24.79 -43.10 0.95
N ASN B 413 -24.96 -42.80 -0.33
CA ASN B 413 -26.18 -42.19 -0.84
C ASN B 413 -26.30 -42.60 -2.30
N PRO B 414 -27.05 -43.67 -2.58
CA PRO B 414 -27.10 -44.18 -3.97
C PRO B 414 -27.69 -43.20 -4.96
N ALA B 415 -28.44 -42.19 -4.48
CA ALA B 415 -29.00 -41.18 -5.38
C ALA B 415 -27.90 -40.32 -5.99
N LYS B 416 -27.05 -39.72 -5.16
CA LYS B 416 -25.98 -38.88 -5.69
C LYS B 416 -25.03 -39.69 -6.56
N LEU B 417 -24.75 -40.93 -6.18
CA LEU B 417 -23.94 -41.79 -7.04
C LEU B 417 -24.64 -42.06 -8.37
N ALA B 418 -25.96 -42.16 -8.36
CA ALA B 418 -26.70 -42.36 -9.60
C ALA B 418 -26.73 -41.08 -10.42
N ASN B 419 -26.97 -39.95 -9.76
CA ASN B 419 -26.97 -38.67 -10.47
C ASN B 419 -25.63 -38.38 -11.12
N ARG B 420 -24.54 -38.83 -10.54
CA ARG B 420 -23.23 -38.62 -11.14
C ARG B 420 -22.78 -39.77 -12.03
N GLY B 421 -23.55 -40.85 -12.12
CA GLY B 421 -23.21 -41.94 -13.01
C GLY B 421 -21.98 -42.72 -12.60
N ILE B 422 -21.69 -42.80 -11.31
CA ILE B 422 -20.58 -43.56 -10.80
C ILE B 422 -20.96 -45.02 -10.69
N VAL B 423 -20.04 -45.91 -11.03
CA VAL B 423 -20.28 -47.35 -10.97
C VAL B 423 -19.22 -48.10 -10.20
N ARG B 424 -18.08 -47.47 -9.89
CA ARG B 424 -16.95 -48.13 -9.25
C ARG B 424 -16.34 -47.19 -8.23
N LEU B 425 -16.00 -47.73 -7.06
CA LEU B 425 -15.36 -46.95 -6.03
C LEU B 425 -13.92 -47.43 -5.83
N GLU B 426 -13.10 -46.55 -5.28
CA GLU B 426 -11.71 -46.86 -4.96
C GLU B 426 -11.39 -46.17 -3.65
N ARG B 427 -11.34 -46.95 -2.57
CA ARG B 427 -11.04 -46.47 -1.24
C ARG B 427 -9.56 -46.63 -0.91
N VAL B 428 -8.97 -45.59 -0.33
CA VAL B 428 -7.57 -45.59 0.10
C VAL B 428 -7.47 -44.94 1.47
N GLU B 429 -6.50 -45.43 2.25
CA GLU B 429 -6.24 -44.94 3.61
C GLU B 429 -5.57 -43.57 3.56
N LEU B 430 -5.77 -42.79 4.61
CA LEU B 430 -5.27 -41.42 4.64
C LEU B 430 -3.79 -41.42 4.98
N VAL B 431 -2.96 -40.92 4.06
CA VAL B 431 -1.55 -40.69 4.30
C VAL B 431 -1.26 -39.24 3.95
N ALA B 432 -0.62 -38.51 4.88
CA ALA B 432 -0.36 -37.10 4.65
C ALA B 432 0.76 -36.93 3.62
N GLY B 433 0.57 -35.96 2.73
CA GLY B 433 1.66 -35.54 1.87
C GLY B 433 2.60 -34.57 2.56
N HIS B 434 3.80 -34.45 2.00
CA HIS B 434 4.80 -33.52 2.53
C HIS B 434 5.50 -32.75 1.42
N ALA B 435 4.98 -32.77 0.19
CA ALA B 435 5.58 -32.09 -0.94
C ALA B 435 4.98 -30.71 -1.19
N TYR B 436 3.86 -30.39 -0.57
CA TYR B 436 3.16 -29.15 -0.86
C TYR B 436 4.01 -27.93 -0.52
N ASN B 437 4.01 -26.95 -1.42
CA ASN B 437 4.67 -25.67 -1.23
C ASN B 437 3.64 -24.56 -1.36
N ALA B 438 3.43 -23.80 -0.29
CA ALA B 438 2.41 -22.76 -0.29
C ALA B 438 2.85 -21.48 -0.96
N VAL B 439 4.12 -21.37 -1.37
CA VAL B 439 4.65 -20.15 -1.96
C VAL B 439 5.33 -20.48 -3.29
N SER B 440 5.29 -19.51 -4.21
CA SER B 440 5.86 -19.69 -5.53
C SER B 440 7.39 -19.74 -5.50
N ASP B 441 8.02 -18.92 -4.67
CA ASP B 441 9.46 -18.75 -4.64
C ASP B 441 10.01 -19.03 -3.25
N PRO B 442 11.24 -19.55 -3.17
CA PRO B 442 11.85 -19.79 -1.85
C PRO B 442 12.03 -18.51 -1.02
N ALA B 443 12.05 -17.34 -1.64
CA ALA B 443 12.25 -16.10 -0.89
C ALA B 443 11.10 -15.80 0.05
N PHE B 444 9.94 -16.42 -0.14
CA PHE B 444 8.73 -16.12 0.62
C PHE B 444 8.49 -17.10 1.75
N GLU B 445 9.46 -17.92 2.11
CA GLU B 445 9.31 -18.86 3.22
C GLU B 445 9.90 -18.28 4.50
C1 NAG C . 2.34 11.16 15.10
C2 NAG C . 1.24 11.03 14.05
C3 NAG C . 1.57 11.90 12.85
C4 NAG C . 1.82 13.34 13.28
C5 NAG C . 2.89 13.38 14.37
C6 NAG C . 3.08 14.76 14.95
C7 NAG C . 0.34 8.77 14.35
C8 NAG C . 0.27 7.38 13.79
N2 NAG C . 1.07 9.65 13.65
O1 NAG C . 2.01 10.42 16.22
O3 NAG C . 0.48 11.84 11.92
O4 NAG C . 2.27 14.11 12.17
O5 NAG C . 2.49 12.53 15.46
O6 NAG C . 3.89 14.73 16.12
O7 NAG C . -0.23 9.08 15.39
C1 NAG D . 1.05 -18.49 -4.08
C2 NAG D . 1.74 -17.20 -4.52
C3 NAG D . 0.82 -16.38 -5.42
C4 NAG D . 0.32 -17.23 -6.58
C5 NAG D . -0.30 -18.53 -6.06
C6 NAG D . -0.69 -19.48 -7.17
C7 NAG D . 3.46 -16.28 -3.04
C8 NAG D . 3.73 -15.43 -1.83
N2 NAG D . 2.18 -16.42 -3.38
O1 NAG D . 1.92 -19.24 -3.31
O3 NAG D . 1.52 -15.25 -5.91
O4 NAG D . -0.67 -16.51 -7.32
O5 NAG D . 0.64 -19.23 -5.23
O6 NAG D . -1.23 -20.69 -6.65
O7 NAG D . 4.36 -16.80 -3.68
#